data_8A9Q
#
_entry.id   8A9Q
#
_cell.length_a   38.260
_cell.length_b   92.128
_cell.length_c   95.553
_cell.angle_alpha   74.35
_cell.angle_beta   89.29
_cell.angle_gamma   79.98
#
_symmetry.space_group_name_H-M   'P 1'
#
loop_
_entity.id
_entity.type
_entity.pdbx_description
1 polymer Albumin
2 non-polymer 'MYRISTIC ACID'
3 non-polymer R-WARFARIN
4 non-polymer 'LAURIC ACID'
5 water water
#
_entity_poly.entity_id   1
_entity_poly.type   'polypeptide(L)'
_entity_poly.pdbx_seq_one_letter_code
;DAHKSEVAHRFKDLGEENFKALVLIAFAQYLQQCPFEDLVKMVNEVTEFAKTCVADESAENCDKSLHTLFGDKLCTVATL
RETYGEMADCCAKQEPERNECFLQHKDDNPNLPRLVRPEPDVMCTAFHDNEETFLKKYLYEIARRHPYFYAPELLYFAKR
YKAAFTECCQAADKAACLLPKLDELREEGKASSAKQRHKCAILQKFGERAFKAWAVARLSQRFPKAEFAEVSKLVTDLTK
VHTECCHGDLLECADDRADLAKYICENQDSISSKLKECCEKPLLEKSHCIAEVENDEMPADLPSLAADFIESKDVCKNYA
EAKDVFLGMFLYEYARRHPDYSVVLLLRLAKTYETTLEKCCAAADPHECYSKVFDEFKPLIEEPQNLIKQNCELFEQLGE
YKFQNALLIRYTKKVPQVSTPTLVEVARNLGKVGSKCCKHPEAKRMPCAEDYLSIVLNQLCVLHEKTPVSDRVTKCCTES
LVNRRPCFSALEVDETYVPKEFNAETFTFHADICTLSEEERQIKKQTALVELVKHKPKATKEQLKAVMDDFSAFVEKCCK
ADDKETCFAEEGKKLIAASQAALGL
;
_entity_poly.pdbx_strand_id   A,B
#
loop_
_chem_comp.id
_chem_comp.type
_chem_comp.name
_chem_comp.formula
DAO non-polymer 'LAURIC ACID' 'C12 H24 O2'
MYR non-polymer 'MYRISTIC ACID' 'C14 H28 O2'
RWF non-polymer R-WARFARIN 'C19 H16 O4'
#
# COMPACT_ATOMS: atom_id res chain seq x y z
N HIS A 3 29.19 -36.06 -12.08
CA HIS A 3 29.77 -35.33 -10.88
C HIS A 3 30.48 -34.02 -11.28
N LYS A 4 30.76 -33.80 -12.58
CA LYS A 4 31.64 -32.71 -13.11
C LYS A 4 31.01 -31.33 -12.81
N SER A 5 29.77 -31.06 -13.29
CA SER A 5 29.08 -29.75 -13.04
C SER A 5 27.75 -29.98 -12.33
N GLU A 6 27.66 -29.61 -11.06
CA GLU A 6 26.42 -29.69 -10.27
C GLU A 6 25.33 -28.90 -11.03
N VAL A 7 25.65 -27.69 -11.45
CA VAL A 7 24.66 -26.77 -12.08
C VAL A 7 24.28 -27.39 -13.43
N ALA A 8 25.21 -28.00 -14.18
CA ALA A 8 24.85 -28.65 -15.45
C ALA A 8 23.88 -29.82 -15.14
N HIS A 9 24.20 -30.62 -14.14
CA HIS A 9 23.45 -31.86 -13.78
C HIS A 9 22.01 -31.48 -13.40
N ARG A 10 21.81 -30.41 -12.63
CA ARG A 10 20.44 -30.04 -12.15
C ARG A 10 19.67 -29.40 -13.31
N PHE A 11 20.32 -28.62 -14.16
CA PHE A 11 19.68 -28.12 -15.40
C PHE A 11 19.16 -29.25 -16.29
N LYS A 12 20.03 -30.21 -16.63
CA LYS A 12 19.68 -31.39 -17.49
C LYS A 12 18.53 -32.13 -16.79
N ASP A 13 18.61 -32.43 -15.50
CA ASP A 13 17.59 -33.22 -14.75
C ASP A 13 16.25 -32.45 -14.68
N LEU A 14 16.25 -31.22 -14.15
CA LEU A 14 15.05 -30.36 -13.93
C LEU A 14 14.44 -29.94 -15.26
N GLY A 15 15.30 -29.63 -16.24
CA GLY A 15 14.90 -28.94 -17.48
C GLY A 15 14.84 -27.45 -17.23
N GLU A 16 14.92 -26.66 -18.29
CA GLU A 16 15.12 -25.19 -18.25
C GLU A 16 13.95 -24.55 -17.51
N GLU A 17 12.71 -24.93 -17.85
CA GLU A 17 11.50 -24.23 -17.29
C GLU A 17 11.45 -24.46 -15.77
N ASN A 18 11.64 -25.68 -15.31
CA ASN A 18 11.62 -25.91 -13.84
C ASN A 18 12.82 -25.20 -13.22
N PHE A 19 13.98 -25.26 -13.87
CA PHE A 19 15.23 -24.68 -13.33
C PHE A 19 14.97 -23.19 -13.04
N LYS A 20 14.51 -22.48 -14.05
CA LYS A 20 14.25 -21.01 -13.99
C LYS A 20 13.29 -20.69 -12.84
N ALA A 21 12.23 -21.48 -12.70
CA ALA A 21 11.23 -21.31 -11.63
C ALA A 21 11.88 -21.48 -10.26
N LEU A 22 12.68 -22.55 -10.09
CA LEU A 22 13.18 -22.86 -8.72
C LEU A 22 14.19 -21.79 -8.36
N VAL A 23 14.99 -21.34 -9.34
CA VAL A 23 16.01 -20.31 -9.10
C VAL A 23 15.26 -19.05 -8.72
N LEU A 24 14.14 -18.75 -9.39
CA LEU A 24 13.40 -17.52 -9.01
C LEU A 24 12.91 -17.70 -7.56
N ILE A 25 12.40 -18.88 -7.21
CA ILE A 25 11.82 -19.06 -5.84
C ILE A 25 12.93 -18.89 -4.82
N ALA A 26 14.09 -19.48 -5.10
CA ALA A 26 15.23 -19.52 -4.17
C ALA A 26 15.72 -18.11 -3.94
N PHE A 27 15.90 -17.31 -4.98
CA PHE A 27 16.36 -15.91 -4.81
C PHE A 27 15.28 -15.12 -4.06
N ALA A 28 14.03 -15.37 -4.36
CA ALA A 28 12.95 -14.60 -3.70
C ALA A 28 12.90 -15.00 -2.20
N GLN A 29 13.25 -16.23 -1.81
CA GLN A 29 13.23 -16.64 -0.39
C GLN A 29 14.36 -15.95 0.35
N TYR A 30 15.41 -15.54 -0.33
CA TYR A 30 16.60 -14.91 0.29
C TYR A 30 16.51 -13.42 0.16
N LEU A 31 16.07 -12.94 -1.01
CA LEU A 31 16.09 -11.52 -1.35
C LEU A 31 14.62 -11.04 -1.35
N GLN A 32 14.01 -11.03 -0.16
CA GLN A 32 12.57 -10.85 0.08
C GLN A 32 12.14 -9.42 -0.20
N GLN A 33 13.06 -8.45 -0.31
CA GLN A 33 12.68 -7.04 -0.58
C GLN A 33 13.18 -6.57 -1.92
N CYS A 34 13.67 -7.50 -2.74
CA CYS A 34 14.20 -7.16 -4.07
C CYS A 34 13.04 -7.18 -5.02
N PRO A 35 12.94 -6.17 -5.92
CA PRO A 35 11.89 -6.08 -6.91
C PRO A 35 11.95 -7.25 -7.91
N PHE A 36 10.77 -7.60 -8.40
CA PHE A 36 10.54 -8.74 -9.31
C PHE A 36 11.51 -8.60 -10.48
N GLU A 37 11.59 -7.43 -11.14
CA GLU A 37 12.34 -7.27 -12.42
C GLU A 37 13.84 -7.52 -12.13
N ASP A 38 14.32 -7.15 -10.94
CA ASP A 38 15.74 -7.40 -10.56
C ASP A 38 15.98 -8.91 -10.37
N LEU A 39 15.08 -9.67 -9.73
CA LEU A 39 15.24 -11.13 -9.56
C LEU A 39 15.11 -11.79 -10.92
N VAL A 40 14.18 -11.35 -11.78
CA VAL A 40 14.04 -11.96 -13.14
C VAL A 40 15.35 -11.83 -13.87
N LYS A 41 16.04 -10.70 -13.74
CA LYS A 41 17.30 -10.49 -14.47
C LYS A 41 18.37 -11.44 -13.89
N MET A 42 18.39 -11.65 -12.57
CA MET A 42 19.33 -12.62 -11.93
C MET A 42 19.07 -14.04 -12.42
N VAL A 43 17.83 -14.48 -12.37
CA VAL A 43 17.43 -15.82 -12.86
C VAL A 43 17.88 -16.02 -14.33
N ASN A 44 17.66 -15.04 -15.21
CA ASN A 44 18.09 -15.16 -16.65
C ASN A 44 19.63 -15.25 -16.70
N GLU A 45 20.36 -14.47 -15.93
CA GLU A 45 21.83 -14.59 -15.93
C GLU A 45 22.24 -15.97 -15.38
N VAL A 46 21.64 -16.43 -14.31
CA VAL A 46 21.98 -17.77 -13.76
C VAL A 46 21.71 -18.82 -14.82
N THR A 47 20.61 -18.68 -15.56
CA THR A 47 20.14 -19.66 -16.58
C THR A 47 21.15 -19.67 -17.75
N GLU A 48 21.61 -18.49 -18.17
CA GLU A 48 22.63 -18.33 -19.24
C GLU A 48 23.89 -19.06 -18.77
N PHE A 49 24.30 -18.83 -17.55
CA PHE A 49 25.57 -19.40 -17.06
C PHE A 49 25.43 -20.94 -17.04
N ALA A 50 24.33 -21.43 -16.51
CA ALA A 50 24.07 -22.87 -16.40
C ALA A 50 24.11 -23.46 -17.81
N LYS A 51 23.53 -22.80 -18.80
CA LYS A 51 23.63 -23.28 -20.22
C LYS A 51 25.08 -23.26 -20.73
N THR A 52 25.99 -22.41 -20.25
CA THR A 52 27.42 -22.57 -20.63
C THR A 52 27.96 -23.88 -20.06
N CYS A 53 27.47 -24.33 -18.89
CA CYS A 53 27.99 -25.52 -18.19
C CYS A 53 27.41 -26.77 -18.82
N VAL A 54 26.22 -26.64 -19.35
CA VAL A 54 25.50 -27.71 -20.10
C VAL A 54 26.28 -27.93 -21.40
N ALA A 55 26.76 -26.87 -22.07
CA ALA A 55 27.52 -27.00 -23.33
C ALA A 55 28.97 -27.43 -23.05
N ASP A 56 29.49 -27.17 -21.84
CA ASP A 56 30.89 -27.44 -21.46
C ASP A 56 31.01 -27.60 -19.93
N GLU A 57 30.87 -28.83 -19.44
CA GLU A 57 30.99 -29.19 -18.00
C GLU A 57 32.30 -28.66 -17.40
N SER A 58 33.28 -28.23 -18.24
CA SER A 58 34.63 -27.74 -17.82
C SER A 58 34.76 -26.22 -17.94
N ALA A 59 33.79 -25.51 -18.53
CA ALA A 59 33.84 -24.03 -18.65
C ALA A 59 33.96 -23.38 -17.24
N GLU A 60 34.47 -22.15 -17.27
CA GLU A 60 34.66 -21.22 -16.14
C GLU A 60 33.55 -21.43 -15.10
N ASN A 61 33.92 -21.73 -13.85
CA ASN A 61 33.09 -21.70 -12.62
C ASN A 61 32.07 -22.84 -12.59
N CYS A 62 31.90 -23.52 -13.73
CA CYS A 62 30.98 -24.68 -13.84
C CYS A 62 31.29 -25.78 -12.84
N ASP A 63 32.47 -25.74 -12.20
CA ASP A 63 33.00 -26.86 -11.37
C ASP A 63 32.53 -26.67 -9.90
N LYS A 64 31.93 -25.51 -9.59
CA LYS A 64 31.55 -25.06 -8.21
C LYS A 64 30.26 -25.69 -7.71
N SER A 65 30.25 -25.96 -6.40
CA SER A 65 29.10 -26.24 -5.55
C SER A 65 27.94 -25.30 -5.96
N LEU A 66 26.71 -25.81 -5.97
CA LEU A 66 25.51 -24.93 -6.11
C LEU A 66 25.46 -23.96 -4.91
N HIS A 67 25.79 -24.42 -3.68
CA HIS A 67 25.92 -23.50 -2.51
C HIS A 67 26.83 -22.32 -2.88
N THR A 68 28.05 -22.61 -3.37
CA THR A 68 29.07 -21.61 -3.77
C THR A 68 28.50 -20.71 -4.83
N LEU A 69 27.87 -21.27 -5.86
CA LEU A 69 27.37 -20.47 -7.02
C LEU A 69 26.23 -19.58 -6.48
N PHE A 70 25.40 -20.14 -5.61
CA PHE A 70 24.20 -19.40 -5.14
C PHE A 70 24.70 -18.18 -4.34
N GLY A 71 25.48 -18.44 -3.28
CA GLY A 71 26.14 -17.42 -2.46
C GLY A 71 26.88 -16.39 -3.29
N ASP A 72 27.66 -16.75 -4.31
CA ASP A 72 28.36 -15.69 -5.09
C ASP A 72 27.31 -14.80 -5.75
N LYS A 73 26.25 -15.40 -6.29
CA LYS A 73 25.24 -14.57 -7.02
C LYS A 73 24.67 -13.56 -6.02
N LEU A 74 24.33 -14.01 -4.81
CA LEU A 74 23.75 -13.13 -3.74
C LEU A 74 24.72 -11.99 -3.53
N CYS A 75 26.03 -12.29 -3.55
CA CYS A 75 27.06 -11.25 -3.19
C CYS A 75 27.26 -10.27 -4.35
N THR A 76 26.63 -10.48 -5.51
CA THR A 76 26.74 -9.54 -6.65
C THR A 76 25.59 -8.53 -6.54
N VAL A 77 24.68 -8.70 -5.59
CA VAL A 77 23.55 -7.77 -5.44
C VAL A 77 24.14 -6.47 -4.89
N ALA A 78 24.00 -5.39 -5.69
CA ALA A 78 24.57 -4.02 -5.49
C ALA A 78 24.03 -3.39 -4.20
N THR A 79 22.75 -3.58 -3.89
CA THR A 79 22.11 -2.90 -2.73
C THR A 79 22.03 -3.84 -1.54
N LEU A 80 22.76 -4.96 -1.57
CA LEU A 80 22.71 -6.00 -0.51
C LEU A 80 22.83 -5.36 0.89
N ARG A 81 23.86 -4.52 1.11
CA ARG A 81 24.15 -3.85 2.40
C ARG A 81 23.04 -2.84 2.73
N GLU A 82 22.61 -2.04 1.74
CA GLU A 82 21.61 -0.93 1.86
C GLU A 82 20.30 -1.55 2.31
N THR A 83 19.85 -2.60 1.60
CA THR A 83 18.51 -3.23 1.81
C THR A 83 18.52 -4.18 3.01
N TYR A 84 19.55 -5.03 3.15
CA TYR A 84 19.55 -6.19 4.09
C TYR A 84 20.59 -6.00 5.20
N GLY A 85 21.36 -4.91 5.21
CA GLY A 85 22.24 -4.58 6.35
C GLY A 85 23.25 -5.70 6.58
N GLU A 86 23.21 -6.33 7.76
CA GLU A 86 24.22 -7.28 8.30
C GLU A 86 24.31 -8.55 7.43
N MET A 87 23.27 -8.88 6.64
CA MET A 87 23.33 -10.01 5.68
C MET A 87 24.47 -9.79 4.69
N ALA A 88 24.77 -8.55 4.29
CA ALA A 88 25.88 -8.28 3.33
C ALA A 88 27.22 -8.72 3.93
N ASP A 89 27.33 -8.79 5.26
CA ASP A 89 28.59 -9.22 5.92
C ASP A 89 28.82 -10.73 5.69
N CYS A 90 27.81 -11.52 5.31
CA CYS A 90 28.02 -12.95 4.91
C CYS A 90 28.99 -13.02 3.72
N CYS A 91 29.02 -12.01 2.86
CA CYS A 91 29.88 -11.95 1.64
C CYS A 91 31.35 -11.85 2.01
N ALA A 92 31.66 -11.53 3.26
CA ALA A 92 33.04 -11.43 3.78
C ALA A 92 33.56 -12.80 4.23
N LYS A 93 32.73 -13.86 4.20
CA LYS A 93 33.07 -15.26 4.59
C LYS A 93 33.32 -16.18 3.37
N GLN A 94 33.75 -17.42 3.63
CA GLN A 94 33.97 -18.49 2.62
C GLN A 94 33.07 -19.68 2.96
N GLU A 95 32.87 -20.62 2.01
CA GLU A 95 32.00 -21.81 2.22
C GLU A 95 32.75 -22.78 3.12
N PRO A 96 32.09 -23.50 4.07
CA PRO A 96 30.65 -23.42 4.30
C PRO A 96 30.08 -22.32 5.22
N GLU A 97 30.93 -21.45 5.80
CA GLU A 97 30.55 -20.40 6.78
C GLU A 97 29.55 -19.39 6.14
N ARG A 98 29.70 -19.08 4.86
CA ARG A 98 28.93 -18.01 4.18
C ARG A 98 27.48 -18.45 4.03
N ASN A 99 27.28 -19.69 3.58
CA ASN A 99 25.93 -20.24 3.32
C ASN A 99 25.26 -20.40 4.69
N GLU A 100 26.03 -20.76 5.71
CA GLU A 100 25.53 -20.83 7.10
C GLU A 100 25.06 -19.42 7.49
N CYS A 101 25.89 -18.41 7.28
CA CYS A 101 25.57 -16.99 7.58
C CYS A 101 24.31 -16.55 6.79
N PHE A 102 24.19 -16.88 5.50
CA PHE A 102 22.98 -16.51 4.70
C PHE A 102 21.76 -17.15 5.37
N LEU A 103 21.83 -18.44 5.73
CA LEU A 103 20.67 -19.15 6.34
C LEU A 103 20.26 -18.41 7.62
N GLN A 104 21.25 -17.99 8.40
CA GLN A 104 21.02 -17.33 9.72
C GLN A 104 20.17 -16.07 9.51
N HIS A 105 20.02 -15.53 8.29
CA HIS A 105 19.34 -14.21 8.04
C HIS A 105 18.09 -14.34 7.17
N LYS A 106 17.52 -15.53 7.04
CA LYS A 106 16.18 -15.67 6.42
C LYS A 106 15.14 -15.21 7.43
N ASP A 107 14.25 -14.31 6.99
CA ASP A 107 13.24 -13.62 7.84
C ASP A 107 11.90 -14.38 7.70
N ASP A 108 11.36 -14.88 8.82
CA ASP A 108 10.21 -15.82 8.86
C ASP A 108 8.94 -15.06 8.53
N ASN A 109 8.87 -13.80 8.97
CA ASN A 109 7.70 -12.92 8.74
C ASN A 109 8.19 -11.59 8.19
N PRO A 110 8.42 -11.48 6.86
CA PRO A 110 8.82 -10.20 6.26
C PRO A 110 7.72 -9.15 6.56
N ASN A 111 8.08 -7.87 6.53
CA ASN A 111 7.08 -6.76 6.67
C ASN A 111 6.48 -6.51 5.29
N LEU A 112 5.68 -7.45 4.79
CA LEU A 112 5.05 -7.30 3.44
C LEU A 112 3.53 -7.27 3.57
N PRO A 113 2.82 -6.39 2.83
CA PRO A 113 1.36 -6.25 2.98
C PRO A 113 0.71 -7.55 2.49
N ARG A 114 -0.44 -7.91 3.04
CA ARG A 114 -1.29 -9.04 2.58
C ARG A 114 -1.44 -8.92 1.06
N LEU A 115 -1.48 -10.09 0.42
CA LEU A 115 -1.56 -10.27 -1.05
C LEU A 115 -3.05 -10.25 -1.38
N VAL A 116 -3.52 -9.24 -2.07
CA VAL A 116 -4.98 -9.13 -2.30
C VAL A 116 -5.31 -9.73 -3.67
N ARG A 117 -6.21 -10.72 -3.70
CA ARG A 117 -6.61 -11.44 -4.94
C ARG A 117 -7.38 -10.47 -5.80
N PRO A 118 -6.91 -10.11 -7.03
CA PRO A 118 -7.71 -9.32 -7.97
C PRO A 118 -9.01 -10.03 -8.33
N GLU A 119 -9.83 -9.27 -9.04
CA GLU A 119 -11.13 -9.73 -9.59
C GLU A 119 -10.82 -10.80 -10.63
N PRO A 120 -11.61 -11.91 -10.65
CA PRO A 120 -11.50 -12.92 -11.70
C PRO A 120 -11.21 -12.35 -13.10
N ASP A 121 -11.95 -11.33 -13.55
CA ASP A 121 -11.91 -10.89 -14.96
C ASP A 121 -10.56 -10.20 -15.18
N VAL A 122 -10.05 -9.58 -14.13
CA VAL A 122 -8.75 -8.87 -14.13
C VAL A 122 -7.61 -9.92 -14.23
N MET A 123 -7.70 -10.92 -13.38
CA MET A 123 -6.76 -12.07 -13.37
C MET A 123 -6.72 -12.70 -14.77
N CYS A 124 -7.90 -13.09 -15.30
CA CYS A 124 -7.97 -13.73 -16.65
C CYS A 124 -7.45 -12.83 -17.74
N THR A 125 -7.75 -11.51 -17.75
CA THR A 125 -7.13 -10.63 -18.79
C THR A 125 -5.60 -10.64 -18.67
N ALA A 126 -5.07 -10.51 -17.44
CA ALA A 126 -3.61 -10.55 -17.11
C ALA A 126 -3.02 -11.88 -17.60
N PHE A 127 -3.67 -12.99 -17.27
CA PHE A 127 -3.26 -14.35 -17.65
C PHE A 127 -3.17 -14.44 -19.18
N HIS A 128 -4.14 -13.86 -19.88
CA HIS A 128 -4.19 -13.97 -21.35
C HIS A 128 -3.14 -13.02 -21.96
N ASP A 129 -2.93 -11.83 -21.39
CA ASP A 129 -2.07 -10.74 -21.94
C ASP A 129 -0.56 -11.08 -21.78
N ASN A 130 -0.14 -11.68 -20.66
CA ASN A 130 1.29 -12.09 -20.46
C ASN A 130 1.31 -13.23 -19.44
N GLU A 131 1.03 -14.44 -19.94
CA GLU A 131 0.91 -15.66 -19.10
C GLU A 131 2.17 -15.86 -18.24
N GLU A 132 3.38 -15.88 -18.85
CA GLU A 132 4.67 -16.11 -18.15
C GLU A 132 4.84 -15.12 -16.98
N THR A 133 4.76 -13.81 -17.26
CA THR A 133 4.93 -12.71 -16.28
C THR A 133 3.81 -12.77 -15.23
N PHE A 134 2.57 -13.02 -15.64
CA PHE A 134 1.44 -13.12 -14.67
C PHE A 134 1.78 -14.19 -13.60
N LEU A 135 2.16 -15.39 -14.05
CA LEU A 135 2.40 -16.56 -13.18
C LEU A 135 3.69 -16.43 -12.36
N LYS A 136 4.79 -16.00 -13.01
CA LYS A 136 6.11 -15.78 -12.31
C LYS A 136 5.97 -14.70 -11.22
N LYS A 137 5.18 -13.65 -11.44
CA LYS A 137 5.07 -12.52 -10.46
C LYS A 137 4.39 -13.02 -9.19
N TYR A 138 3.35 -13.82 -9.26
CA TYR A 138 2.65 -14.27 -8.03
C TYR A 138 3.50 -15.36 -7.35
N LEU A 139 4.19 -16.19 -8.13
CA LEU A 139 5.20 -17.15 -7.63
C LEU A 139 6.23 -16.39 -6.78
N TYR A 140 6.75 -15.29 -7.29
CA TYR A 140 7.64 -14.38 -6.53
C TYR A 140 6.95 -13.86 -5.26
N GLU A 141 5.69 -13.41 -5.38
CA GLU A 141 4.98 -12.76 -4.22
C GLU A 141 4.84 -13.78 -3.11
N ILE A 142 4.59 -15.04 -3.47
CA ILE A 142 4.34 -16.08 -2.46
C ILE A 142 5.68 -16.52 -1.85
N ALA A 143 6.68 -16.79 -2.68
CA ALA A 143 7.99 -17.30 -2.20
C ALA A 143 8.64 -16.27 -1.25
N ARG A 144 8.54 -14.97 -1.54
CA ARG A 144 9.17 -13.89 -0.73
C ARG A 144 8.43 -13.78 0.62
N ARG A 145 7.18 -14.21 0.67
CA ARG A 145 6.35 -14.16 1.92
C ARG A 145 6.46 -15.47 2.67
N HIS A 146 7.00 -16.52 2.02
CA HIS A 146 7.06 -17.91 2.57
C HIS A 146 8.44 -18.54 2.31
N PRO A 147 9.49 -18.00 2.95
CA PRO A 147 10.86 -18.32 2.58
C PRO A 147 11.34 -19.70 3.00
N TYR A 148 10.53 -20.47 3.74
CA TYR A 148 10.86 -21.84 4.19
C TYR A 148 9.98 -22.86 3.47
N PHE A 149 8.95 -22.38 2.80
CA PHE A 149 8.09 -23.24 1.98
C PHE A 149 8.96 -23.95 0.92
N TYR A 150 8.96 -25.28 0.89
CA TYR A 150 9.92 -26.04 0.05
C TYR A 150 9.69 -25.75 -1.46
N ALA A 151 10.68 -25.16 -2.11
CA ALA A 151 10.52 -24.54 -3.44
C ALA A 151 9.86 -25.51 -4.42
N PRO A 152 10.32 -26.78 -4.55
CA PRO A 152 9.67 -27.71 -5.45
C PRO A 152 8.17 -27.89 -5.17
N GLU A 153 7.78 -27.87 -3.91
CA GLU A 153 6.34 -27.93 -3.62
C GLU A 153 5.67 -26.59 -3.96
N LEU A 154 6.31 -25.44 -3.73
CA LEU A 154 5.69 -24.17 -4.15
C LEU A 154 5.50 -24.26 -5.66
N LEU A 155 6.46 -24.85 -6.37
CA LEU A 155 6.40 -25.03 -7.83
C LEU A 155 5.23 -25.95 -8.20
N TYR A 156 4.97 -27.02 -7.44
CA TYR A 156 3.87 -27.97 -7.72
C TYR A 156 2.54 -27.22 -7.57
N PHE A 157 2.42 -26.36 -6.59
CA PHE A 157 1.18 -25.52 -6.43
C PHE A 157 1.00 -24.59 -7.64
N ALA A 158 2.06 -23.91 -8.07
CA ALA A 158 2.03 -22.92 -9.18
C ALA A 158 1.47 -23.57 -10.46
N LYS A 159 1.77 -24.84 -10.70
CA LYS A 159 1.26 -25.51 -11.92
C LYS A 159 -0.23 -25.81 -11.75
N ARG A 160 -0.68 -26.07 -10.54
CA ARG A 160 -2.14 -26.26 -10.29
C ARG A 160 -2.82 -24.90 -10.50
N TYR A 161 -2.25 -23.77 -10.01
CA TYR A 161 -2.84 -22.42 -10.21
C TYR A 161 -2.93 -22.18 -11.72
N LYS A 162 -1.87 -22.51 -12.45
CA LYS A 162 -1.87 -22.32 -13.92
C LYS A 162 -3.02 -23.08 -14.56
N ALA A 163 -3.24 -24.35 -14.17
CA ALA A 163 -4.34 -25.21 -14.69
C ALA A 163 -5.72 -24.57 -14.42
N ALA A 164 -5.93 -24.07 -13.20
CA ALA A 164 -7.18 -23.37 -12.84
C ALA A 164 -7.41 -22.16 -13.76
N PHE A 165 -6.40 -21.32 -13.99
CA PHE A 165 -6.53 -20.18 -14.94
C PHE A 165 -6.87 -20.69 -16.34
N THR A 166 -6.17 -21.72 -16.80
CA THR A 166 -6.29 -22.26 -18.18
C THR A 166 -7.71 -22.82 -18.38
N GLU A 167 -8.23 -23.60 -17.44
CA GLU A 167 -9.63 -24.10 -17.44
C GLU A 167 -10.60 -22.91 -17.39
N CYS A 168 -10.55 -22.09 -16.35
CA CYS A 168 -11.68 -21.20 -15.94
C CYS A 168 -11.74 -19.93 -16.77
N CYS A 169 -10.62 -19.46 -17.29
CA CYS A 169 -10.60 -18.20 -18.09
C CYS A 169 -11.23 -18.53 -19.47
N GLN A 170 -11.68 -19.79 -19.66
CA GLN A 170 -12.66 -20.26 -20.69
C GLN A 170 -14.10 -19.89 -20.30
N ALA A 171 -14.57 -20.29 -19.11
CA ALA A 171 -15.97 -20.19 -18.62
C ALA A 171 -16.61 -18.84 -19.01
N ALA A 172 -17.95 -18.74 -19.00
CA ALA A 172 -18.72 -17.48 -19.23
C ALA A 172 -18.76 -16.70 -17.91
N ASP A 173 -19.07 -17.40 -16.81
CA ASP A 173 -18.79 -16.96 -15.42
C ASP A 173 -17.39 -17.44 -15.05
N LYS A 174 -16.38 -16.59 -15.30
CA LYS A 174 -14.97 -16.82 -14.85
C LYS A 174 -14.98 -16.98 -13.33
N ALA A 175 -15.64 -16.06 -12.65
CA ALA A 175 -15.72 -15.96 -11.17
C ALA A 175 -16.25 -17.25 -10.54
N ALA A 176 -17.18 -17.95 -11.18
CA ALA A 176 -17.92 -19.09 -10.55
C ALA A 176 -17.09 -20.37 -10.69
N CYS A 177 -16.28 -20.44 -11.73
CA CYS A 177 -15.30 -21.53 -11.96
C CYS A 177 -14.10 -21.31 -11.05
N LEU A 178 -13.48 -20.13 -11.11
CA LEU A 178 -12.10 -19.85 -10.66
C LEU A 178 -12.05 -19.69 -9.13
N LEU A 179 -13.03 -19.03 -8.51
CA LEU A 179 -12.88 -18.64 -7.08
C LEU A 179 -12.90 -19.88 -6.20
N PRO A 180 -13.73 -20.91 -6.53
CA PRO A 180 -13.69 -22.19 -5.80
C PRO A 180 -12.43 -23.07 -5.93
N LYS A 181 -11.85 -23.14 -7.13
CA LYS A 181 -10.53 -23.80 -7.37
C LYS A 181 -9.43 -22.99 -6.67
N LEU A 182 -9.39 -21.66 -6.78
CA LEU A 182 -8.31 -20.84 -6.15
C LEU A 182 -8.37 -21.00 -4.62
N ASP A 183 -9.58 -20.91 -4.06
CA ASP A 183 -9.87 -21.04 -2.60
C ASP A 183 -9.34 -22.40 -2.11
N GLU A 184 -9.61 -23.49 -2.83
CA GLU A 184 -9.24 -24.86 -2.37
C GLU A 184 -7.73 -24.99 -2.48
N LEU A 185 -7.16 -24.44 -3.55
CA LEU A 185 -5.67 -24.42 -3.74
C LEU A 185 -5.00 -23.67 -2.61
N ARG A 186 -5.48 -22.49 -2.27
CA ARG A 186 -4.95 -21.67 -1.14
C ARG A 186 -4.96 -22.48 0.18
N GLU A 187 -6.10 -23.08 0.54
CA GLU A 187 -6.27 -23.90 1.77
C GLU A 187 -5.22 -25.02 1.77
N GLU A 188 -5.05 -25.72 0.64
CA GLU A 188 -4.08 -26.84 0.52
C GLU A 188 -2.66 -26.35 0.58
N GLY A 189 -2.33 -25.23 -0.10
CA GLY A 189 -1.10 -24.47 0.13
C GLY A 189 -0.82 -24.21 1.60
N LYS A 190 -1.66 -23.43 2.26
CA LYS A 190 -1.54 -23.09 3.71
C LYS A 190 -1.45 -24.39 4.54
N ALA A 191 -2.20 -25.44 4.24
CA ALA A 191 -2.18 -26.68 5.07
C ALA A 191 -0.83 -27.36 4.83
N SER A 192 -0.39 -27.50 3.56
CA SER A 192 0.94 -28.09 3.28
C SER A 192 2.02 -27.35 4.09
N SER A 193 1.99 -26.02 4.16
CA SER A 193 3.05 -25.22 4.84
C SER A 193 3.00 -25.45 6.37
N ALA A 194 1.80 -25.43 6.93
CA ALA A 194 1.52 -25.75 8.35
C ALA A 194 2.05 -27.15 8.71
N LYS A 195 1.81 -28.15 7.88
CA LYS A 195 2.15 -29.56 8.17
C LYS A 195 3.66 -29.70 8.24
N GLN A 196 4.39 -28.94 7.40
CA GLN A 196 5.86 -28.85 7.47
C GLN A 196 6.28 -28.20 8.79
N ARG A 197 5.64 -27.10 9.17
CA ARG A 197 5.99 -26.34 10.41
C ARG A 197 5.75 -27.26 11.62
N HIS A 198 4.69 -28.09 11.60
CA HIS A 198 4.34 -29.07 12.65
C HIS A 198 5.46 -30.08 12.80
N LYS A 199 5.96 -30.60 11.69
CA LYS A 199 7.02 -31.64 11.71
C LYS A 199 8.30 -31.00 12.26
N CYS A 200 8.67 -29.78 11.87
CA CYS A 200 9.82 -29.03 12.46
C CYS A 200 9.62 -28.75 13.97
N ALA A 201 8.42 -28.38 14.44
CA ALA A 201 8.14 -28.22 15.89
C ALA A 201 8.32 -29.55 16.65
N ILE A 202 7.85 -30.69 16.13
CA ILE A 202 8.12 -32.00 16.81
C ILE A 202 9.63 -32.09 16.93
N LEU A 203 10.31 -31.97 15.79
CA LEU A 203 11.78 -32.15 15.74
C LEU A 203 12.41 -31.19 16.76
N GLN A 204 12.14 -29.89 16.65
CA GLN A 204 12.76 -28.76 17.42
C GLN A 204 12.28 -28.68 18.88
N LYS A 205 11.00 -28.85 19.22
CA LYS A 205 10.52 -28.77 20.64
C LYS A 205 10.63 -30.11 21.39
N PHE A 206 10.50 -31.29 20.75
CA PHE A 206 10.49 -32.57 21.53
C PHE A 206 11.74 -33.42 21.29
N GLY A 207 12.52 -33.16 20.25
CA GLY A 207 13.81 -33.85 20.03
C GLY A 207 13.73 -34.99 19.02
N GLU A 208 14.87 -35.65 18.77
CA GLU A 208 15.06 -36.65 17.68
C GLU A 208 14.26 -37.92 18.00
N ARG A 209 14.23 -38.36 19.26
CA ARG A 209 13.48 -39.58 19.68
C ARG A 209 11.98 -39.41 19.42
N ALA A 210 11.39 -38.28 19.82
CA ALA A 210 9.97 -38.04 19.59
C ALA A 210 9.69 -38.05 18.08
N PHE A 211 10.54 -37.43 17.27
CA PHE A 211 10.34 -37.30 15.81
C PHE A 211 10.42 -38.68 15.17
N LYS A 212 11.32 -39.52 15.67
CA LYS A 212 11.58 -40.86 15.08
C LYS A 212 10.41 -41.76 15.47
N ALA A 213 9.86 -41.64 16.69
CA ALA A 213 8.65 -42.36 17.15
C ALA A 213 7.50 -42.00 16.21
N TRP A 214 7.35 -40.73 15.96
CA TRP A 214 6.31 -40.18 15.05
C TRP A 214 6.45 -40.75 13.62
N ALA A 215 7.68 -40.79 13.10
CA ALA A 215 8.00 -41.27 11.74
C ALA A 215 7.82 -42.78 11.64
N VAL A 216 8.19 -43.56 12.66
CA VAL A 216 8.00 -45.04 12.65
C VAL A 216 6.52 -45.33 12.52
N ALA A 217 5.70 -44.74 13.38
CA ALA A 217 4.25 -44.96 13.36
C ALA A 217 3.73 -44.63 11.96
N ARG A 218 4.05 -43.42 11.47
CA ARG A 218 3.46 -42.95 10.22
C ARG A 218 3.95 -43.86 9.07
N LEU A 219 5.27 -44.12 8.96
CA LEU A 219 5.80 -44.99 7.86
C LEU A 219 5.28 -46.43 8.01
N SER A 220 5.10 -46.94 9.22
CA SER A 220 4.56 -48.29 9.45
C SER A 220 3.11 -48.40 8.97
N GLN A 221 2.30 -47.35 9.12
CA GLN A 221 0.89 -47.35 8.58
C GLN A 221 0.92 -47.32 7.03
N ARG A 222 1.79 -46.49 6.45
CA ARG A 222 1.98 -46.28 4.99
C ARG A 222 2.58 -47.50 4.33
N PHE A 223 3.59 -48.09 4.97
CA PHE A 223 4.41 -49.20 4.43
C PHE A 223 4.34 -50.44 5.31
N PRO A 224 3.15 -51.02 5.53
CA PRO A 224 2.99 -52.14 6.46
C PRO A 224 3.67 -53.48 6.10
N LYS A 225 4.05 -53.67 4.84
CA LYS A 225 4.74 -54.89 4.34
C LYS A 225 6.25 -54.70 4.47
N ALA A 226 6.68 -53.45 4.68
CA ALA A 226 8.07 -53.18 5.06
C ALA A 226 8.41 -53.94 6.34
N GLU A 227 9.60 -54.53 6.38
CA GLU A 227 10.17 -55.12 7.62
C GLU A 227 10.61 -53.95 8.52
N PHE A 228 10.70 -54.18 9.82
CA PHE A 228 11.02 -53.13 10.84
C PHE A 228 12.38 -52.48 10.56
N ALA A 229 13.39 -53.25 10.17
CA ALA A 229 14.74 -52.72 9.86
C ALA A 229 14.66 -51.76 8.67
N GLU A 230 13.75 -52.03 7.73
CA GLU A 230 13.60 -51.16 6.52
C GLU A 230 12.94 -49.83 6.92
N VAL A 231 11.96 -49.89 7.83
CA VAL A 231 11.26 -48.71 8.41
C VAL A 231 12.27 -47.94 9.26
N SER A 232 13.04 -48.61 10.11
CA SER A 232 14.11 -47.98 10.93
C SER A 232 15.03 -47.19 10.01
N LYS A 233 15.46 -47.82 8.91
CA LYS A 233 16.40 -47.18 7.96
C LYS A 233 15.76 -45.92 7.40
N LEU A 234 14.54 -46.03 6.89
CA LEU A 234 13.83 -44.89 6.25
C LEU A 234 13.66 -43.72 7.23
N VAL A 235 13.44 -44.04 8.50
CA VAL A 235 13.19 -43.10 9.64
C VAL A 235 14.45 -42.30 9.96
N THR A 236 15.63 -42.95 9.98
CA THR A 236 16.95 -42.28 10.01
C THR A 236 17.03 -41.25 8.89
N ASP A 237 16.76 -41.64 7.64
CA ASP A 237 17.00 -40.75 6.47
C ASP A 237 15.97 -39.63 6.49
N LEU A 238 14.78 -39.92 6.99
CA LEU A 238 13.66 -38.95 7.01
C LEU A 238 14.12 -37.74 7.83
N THR A 239 14.61 -38.02 9.03
CA THR A 239 15.13 -37.08 10.05
C THR A 239 16.18 -36.10 9.49
N LYS A 240 17.14 -36.53 8.65
CA LYS A 240 18.12 -35.62 7.99
C LYS A 240 17.34 -34.76 7.00
N VAL A 241 16.53 -35.37 6.11
CA VAL A 241 15.69 -34.55 5.20
C VAL A 241 15.07 -33.46 6.07
N HIS A 242 14.41 -33.79 7.19
CA HIS A 242 13.57 -32.79 7.91
C HIS A 242 14.43 -31.74 8.64
N THR A 243 15.49 -32.13 9.35
CA THR A 243 16.53 -31.22 9.89
C THR A 243 16.91 -30.11 8.86
N GLU A 244 17.16 -30.46 7.59
CA GLU A 244 17.77 -29.53 6.63
C GLU A 244 16.68 -28.58 6.18
N CYS A 245 15.58 -29.23 5.82
CA CYS A 245 14.34 -28.59 5.34
C CYS A 245 13.90 -27.62 6.43
N CYS A 246 14.10 -28.02 7.69
CA CYS A 246 13.65 -27.25 8.89
C CYS A 246 14.59 -26.03 9.09
N HIS A 247 15.89 -26.20 8.83
CA HIS A 247 16.93 -25.13 8.88
C HIS A 247 16.74 -24.18 7.68
N GLY A 248 16.16 -24.67 6.59
CA GLY A 248 15.69 -23.86 5.44
C GLY A 248 16.74 -23.76 4.34
N ASP A 249 17.72 -24.67 4.40
CA ASP A 249 18.77 -24.98 3.38
C ASP A 249 18.23 -25.87 2.24
N LEU A 250 17.70 -25.22 1.20
CA LEU A 250 16.97 -25.82 0.06
C LEU A 250 17.87 -26.81 -0.68
N LEU A 251 19.10 -26.48 -0.99
CA LEU A 251 19.97 -27.39 -1.76
C LEU A 251 20.36 -28.61 -0.91
N GLU A 252 20.64 -28.47 0.40
CA GLU A 252 20.94 -29.67 1.21
C GLU A 252 19.67 -30.53 1.27
N CYS A 253 18.51 -29.89 1.47
CA CYS A 253 17.24 -30.59 1.75
C CYS A 253 16.88 -31.37 0.49
N ALA A 254 17.05 -30.71 -0.67
CA ALA A 254 16.66 -31.22 -2.00
C ALA A 254 17.47 -32.49 -2.25
N ASP A 255 18.73 -32.45 -1.89
CA ASP A 255 19.67 -33.57 -2.18
C ASP A 255 19.40 -34.74 -1.25
N ASP A 256 19.09 -34.50 0.02
CA ASP A 256 18.73 -35.62 0.93
C ASP A 256 17.39 -36.22 0.45
N ARG A 257 16.46 -35.42 -0.07
CA ARG A 257 15.16 -35.96 -0.51
C ARG A 257 15.35 -36.80 -1.77
N ALA A 258 16.15 -36.30 -2.73
CA ALA A 258 16.38 -37.01 -4.01
C ALA A 258 17.03 -38.35 -3.66
N ASP A 259 18.00 -38.37 -2.73
CA ASP A 259 18.69 -39.64 -2.32
C ASP A 259 17.66 -40.62 -1.75
N LEU A 260 16.80 -40.16 -0.85
CA LEU A 260 15.82 -41.04 -0.17
C LEU A 260 14.81 -41.52 -1.22
N ALA A 261 14.26 -40.62 -2.04
CA ALA A 261 13.35 -40.94 -3.17
C ALA A 261 14.01 -41.90 -4.17
N LYS A 262 15.32 -41.84 -4.39
CA LYS A 262 15.99 -42.83 -5.27
C LYS A 262 16.10 -44.17 -4.51
N TYR A 263 16.43 -44.13 -3.23
CA TYR A 263 16.58 -45.36 -2.39
C TYR A 263 15.24 -46.13 -2.38
N ILE A 264 14.15 -45.39 -2.19
CA ILE A 264 12.81 -45.97 -1.98
C ILE A 264 12.46 -46.62 -3.33
N CYS A 265 12.74 -45.93 -4.42
CA CYS A 265 12.35 -46.41 -5.78
C CYS A 265 13.23 -47.59 -6.25
N GLU A 266 14.47 -47.69 -5.80
CA GLU A 266 15.33 -48.89 -6.05
C GLU A 266 14.86 -50.06 -5.16
N ASN A 267 14.13 -49.83 -4.06
CA ASN A 267 13.76 -50.92 -3.11
C ASN A 267 12.25 -51.09 -2.91
N GLN A 268 11.43 -50.84 -3.93
CA GLN A 268 9.94 -50.91 -3.86
C GLN A 268 9.40 -52.21 -3.25
N ASP A 269 10.00 -53.33 -3.63
CA ASP A 269 9.47 -54.68 -3.29
C ASP A 269 9.68 -54.93 -1.78
N SER A 270 10.58 -54.16 -1.15
CA SER A 270 10.85 -54.22 0.30
C SER A 270 9.99 -53.19 1.05
N ILE A 271 9.28 -52.31 0.34
CA ILE A 271 8.59 -51.15 0.98
C ILE A 271 7.08 -51.13 0.70
N SER A 272 6.66 -51.07 -0.56
CA SER A 272 5.23 -50.85 -0.92
C SER A 272 4.99 -51.19 -2.39
N SER A 273 3.81 -51.76 -2.67
CA SER A 273 3.23 -51.93 -4.04
C SER A 273 2.57 -50.62 -4.52
N LYS A 274 2.51 -49.54 -3.72
CA LYS A 274 1.80 -48.28 -4.11
C LYS A 274 2.72 -47.26 -4.80
N LEU A 275 3.97 -47.61 -5.16
CA LEU A 275 5.03 -46.63 -5.54
C LEU A 275 5.39 -46.69 -7.04
N LYS A 276 4.86 -47.66 -7.79
CA LYS A 276 5.17 -47.83 -9.23
C LYS A 276 4.92 -46.51 -9.96
N GLU A 277 3.70 -45.95 -9.81
CA GLU A 277 3.29 -44.61 -10.33
C GLU A 277 4.40 -43.62 -10.02
N CYS A 278 4.64 -43.37 -8.73
CA CYS A 278 5.56 -42.35 -8.19
C CYS A 278 6.98 -42.50 -8.73
N CYS A 279 7.42 -43.73 -8.91
CA CYS A 279 8.81 -44.05 -9.33
C CYS A 279 8.96 -43.97 -10.86
N GLU A 280 7.87 -43.72 -11.58
CA GLU A 280 7.96 -43.37 -13.03
C GLU A 280 8.27 -41.86 -13.16
N LYS A 281 7.88 -41.02 -12.19
CA LYS A 281 7.83 -39.54 -12.32
C LYS A 281 9.24 -38.94 -12.33
N PRO A 282 9.43 -37.71 -12.91
CA PRO A 282 10.73 -37.05 -12.93
C PRO A 282 11.33 -36.78 -11.54
N LEU A 283 12.65 -36.63 -11.42
CA LEU A 283 13.35 -36.48 -10.11
C LEU A 283 12.57 -35.45 -9.26
N LEU A 284 12.08 -34.41 -9.92
CA LEU A 284 11.52 -33.17 -9.28
C LEU A 284 10.34 -33.55 -8.38
N GLU A 285 9.43 -34.37 -8.93
CA GLU A 285 8.14 -34.73 -8.31
C GLU A 285 8.24 -36.01 -7.46
N LYS A 286 9.19 -36.88 -7.79
CA LYS A 286 9.21 -38.31 -7.36
C LYS A 286 9.09 -38.33 -5.83
N SER A 287 9.97 -37.61 -5.15
CA SER A 287 10.01 -37.36 -3.70
C SER A 287 8.62 -36.96 -3.18
N HIS A 288 7.96 -36.05 -3.91
CA HIS A 288 6.67 -35.42 -3.55
C HIS A 288 5.53 -36.44 -3.73
N CYS A 289 5.50 -37.18 -4.84
CA CYS A 289 4.59 -38.33 -5.06
C CYS A 289 4.75 -39.36 -3.91
N ILE A 290 5.96 -39.73 -3.54
CA ILE A 290 6.15 -40.69 -2.43
C ILE A 290 5.46 -40.16 -1.16
N ALA A 291 5.66 -38.89 -0.83
CA ALA A 291 5.18 -38.30 0.43
C ALA A 291 3.64 -38.33 0.42
N GLU A 292 3.01 -38.30 -0.75
CA GLU A 292 1.54 -38.35 -0.94
C GLU A 292 1.02 -39.80 -1.07
N VAL A 293 1.85 -40.82 -1.31
CA VAL A 293 1.32 -42.19 -1.62
C VAL A 293 0.24 -42.60 -0.61
N GLU A 294 -0.75 -43.35 -1.10
CA GLU A 294 -1.76 -44.08 -0.30
C GLU A 294 -1.04 -45.17 0.51
N ASN A 295 -1.55 -45.43 1.69
CA ASN A 295 -1.16 -46.57 2.56
C ASN A 295 -1.23 -47.87 1.75
N ASP A 296 -0.24 -48.74 1.84
CA ASP A 296 -0.27 -50.08 1.22
C ASP A 296 -1.28 -50.96 2.00
N GLU A 297 -1.91 -51.95 1.36
CA GLU A 297 -2.68 -53.00 2.10
C GLU A 297 -1.67 -53.74 2.99
N MET A 298 -2.02 -53.98 4.26
CA MET A 298 -1.19 -54.76 5.24
C MET A 298 -1.21 -56.21 4.79
N PRO A 299 -0.14 -57.00 5.04
CA PRO A 299 -0.16 -58.43 4.73
C PRO A 299 -1.38 -59.07 5.41
N ALA A 300 -2.02 -60.02 4.74
CA ALA A 300 -3.00 -60.93 5.36
C ALA A 300 -2.28 -61.84 6.36
N ASP A 301 -3.03 -62.33 7.34
CA ASP A 301 -2.60 -63.36 8.32
C ASP A 301 -1.41 -62.80 9.10
N LEU A 302 -1.65 -61.67 9.78
CA LEU A 302 -0.80 -61.12 10.85
C LEU A 302 -1.30 -61.65 12.19
N PRO A 303 -0.38 -62.17 13.02
CA PRO A 303 -0.74 -62.56 14.38
C PRO A 303 -1.10 -61.27 15.15
N SER A 304 -2.00 -61.39 16.12
CA SER A 304 -2.19 -60.47 17.27
C SER A 304 -0.83 -60.14 17.90
N LEU A 305 -0.74 -58.98 18.54
CA LEU A 305 0.51 -58.43 19.13
C LEU A 305 0.82 -59.16 20.42
N ALA A 306 -0.21 -59.78 21.01
CA ALA A 306 -0.11 -60.45 22.32
C ALA A 306 1.02 -61.46 22.31
N ALA A 307 1.27 -62.16 21.20
CA ALA A 307 2.33 -63.22 21.23
C ALA A 307 3.65 -62.56 21.67
N ASP A 308 4.09 -61.51 20.96
CA ASP A 308 5.47 -60.96 21.14
C ASP A 308 5.49 -59.95 22.30
N PHE A 309 4.43 -59.20 22.52
CA PHE A 309 4.54 -57.92 23.27
C PHE A 309 3.89 -58.09 24.62
N ILE A 310 3.12 -59.16 24.77
CA ILE A 310 2.02 -59.07 25.77
C ILE A 310 1.96 -60.39 26.54
N GLU A 311 2.06 -61.53 25.84
CA GLU A 311 1.93 -62.93 26.35
C GLU A 311 3.27 -63.67 26.44
N SER A 312 4.32 -63.29 25.70
CA SER A 312 5.63 -64.01 25.70
C SER A 312 6.33 -63.93 27.08
N LYS A 313 6.92 -65.03 27.53
CA LYS A 313 8.13 -65.01 28.38
C LYS A 313 9.08 -64.10 27.58
N ASP A 314 10.14 -63.54 28.17
CA ASP A 314 11.16 -62.78 27.37
C ASP A 314 10.78 -61.33 27.06
N VAL A 315 9.54 -60.90 27.32
CA VAL A 315 9.13 -59.47 27.12
C VAL A 315 10.07 -58.57 27.93
N CYS A 316 10.28 -58.83 29.22
CA CYS A 316 11.14 -57.93 30.03
C CYS A 316 12.60 -58.08 29.56
N LYS A 317 13.05 -59.30 29.34
CA LYS A 317 14.41 -59.54 28.82
C LYS A 317 14.58 -58.78 27.50
N ASN A 318 13.65 -58.89 26.53
CA ASN A 318 13.86 -58.34 25.16
C ASN A 318 13.85 -56.82 25.23
N TYR A 319 13.01 -56.28 26.09
CA TYR A 319 12.87 -54.83 26.35
C TYR A 319 14.18 -54.30 26.93
N ALA A 320 14.62 -54.86 28.05
CA ALA A 320 15.78 -54.35 28.83
C ALA A 320 17.05 -54.38 27.97
N GLU A 321 17.20 -55.32 27.01
CA GLU A 321 18.35 -55.36 26.04
C GLU A 321 18.45 -54.06 25.23
N ALA A 322 17.33 -53.54 24.73
CA ALA A 322 17.34 -52.34 23.85
C ALA A 322 15.97 -51.69 23.87
N LYS A 323 15.75 -50.78 24.82
CA LYS A 323 14.39 -50.37 25.21
C LYS A 323 13.74 -49.67 24.04
N ASP A 324 14.46 -48.71 23.43
CA ASP A 324 13.91 -47.94 22.29
C ASP A 324 13.69 -48.89 21.11
N VAL A 325 14.52 -49.93 20.93
CA VAL A 325 14.39 -50.84 19.75
C VAL A 325 13.11 -51.69 19.93
N PHE A 326 12.86 -52.16 21.16
CA PHE A 326 11.68 -53.00 21.44
C PHE A 326 10.43 -52.12 21.34
N LEU A 327 10.50 -50.92 21.91
CA LEU A 327 9.37 -49.96 21.90
C LEU A 327 9.09 -49.56 20.45
N GLY A 328 10.13 -49.38 19.66
CA GLY A 328 10.05 -49.12 18.21
C GLY A 328 9.41 -50.25 17.47
N MET A 329 9.73 -51.49 17.83
CA MET A 329 9.08 -52.71 17.27
C MET A 329 7.61 -52.76 17.63
N PHE A 330 7.27 -52.56 18.89
CA PHE A 330 5.86 -52.52 19.33
C PHE A 330 5.12 -51.51 18.45
N LEU A 331 5.73 -50.35 18.17
CA LEU A 331 5.00 -49.22 17.56
C LEU A 331 4.74 -49.59 16.10
N TYR A 332 5.75 -50.09 15.44
CA TYR A 332 5.67 -50.62 14.07
C TYR A 332 4.61 -51.71 13.94
N GLU A 333 4.61 -52.73 14.85
CA GLU A 333 3.60 -53.83 14.80
C GLU A 333 2.21 -53.24 15.03
N TYR A 334 2.04 -52.31 15.99
CA TYR A 334 0.71 -51.74 16.30
C TYR A 334 0.23 -50.91 15.11
N ALA A 335 1.10 -50.02 14.64
CA ALA A 335 0.78 -49.02 13.60
C ALA A 335 0.47 -49.73 12.27
N ARG A 336 1.25 -50.74 11.87
CA ARG A 336 1.01 -51.36 10.55
C ARG A 336 -0.33 -52.06 10.56
N ARG A 337 -0.86 -52.38 11.73
CA ARG A 337 -2.17 -53.06 11.83
C ARG A 337 -3.32 -52.03 11.90
N HIS A 338 -3.03 -50.75 12.21
CA HIS A 338 -4.05 -49.70 12.51
C HIS A 338 -3.77 -48.44 11.71
N PRO A 339 -3.89 -48.52 10.37
CA PRO A 339 -3.88 -47.32 9.55
C PRO A 339 -5.05 -46.38 9.87
N ASP A 340 -5.96 -46.80 10.76
CA ASP A 340 -7.21 -46.07 11.11
C ASP A 340 -6.94 -45.22 12.33
N TYR A 341 -5.79 -45.41 12.99
CA TYR A 341 -5.45 -44.65 14.21
C TYR A 341 -4.67 -43.41 13.75
N SER A 342 -4.86 -42.33 14.52
CA SER A 342 -3.96 -41.18 14.52
C SER A 342 -2.57 -41.67 14.92
N VAL A 343 -1.56 -41.00 14.39
CA VAL A 343 -0.15 -41.24 14.80
C VAL A 343 -0.08 -41.00 16.31
N VAL A 344 -0.65 -39.90 16.80
CA VAL A 344 -0.58 -39.48 18.21
C VAL A 344 -1.25 -40.57 19.08
N LEU A 345 -2.33 -41.15 18.63
CA LEU A 345 -2.97 -42.24 19.41
C LEU A 345 -2.00 -43.40 19.47
N LEU A 346 -1.39 -43.76 18.35
CA LEU A 346 -0.44 -44.88 18.40
C LEU A 346 0.70 -44.58 19.39
N LEU A 347 1.21 -43.35 19.43
CA LEU A 347 2.31 -42.92 20.32
C LEU A 347 1.79 -42.93 21.75
N ARG A 348 0.52 -42.61 21.99
CA ARG A 348 -0.03 -42.66 23.37
C ARG A 348 -0.02 -44.09 23.87
N LEU A 349 -0.29 -45.05 22.97
CA LEU A 349 -0.30 -46.50 23.29
C LEU A 349 1.12 -46.99 23.58
N ALA A 350 2.10 -46.58 22.75
CA ALA A 350 3.50 -46.98 22.93
C ALA A 350 4.05 -46.37 24.25
N LYS A 351 3.65 -45.14 24.60
CA LYS A 351 4.07 -44.53 25.90
C LYS A 351 3.38 -45.30 27.04
N THR A 352 2.14 -45.74 26.86
CA THR A 352 1.48 -46.55 27.92
C THR A 352 2.23 -47.89 28.07
N TYR A 353 2.50 -48.60 26.97
CA TYR A 353 3.25 -49.86 26.93
C TYR A 353 4.59 -49.65 27.62
N GLU A 354 5.35 -48.63 27.21
CA GLU A 354 6.61 -48.26 27.90
C GLU A 354 6.41 -48.11 29.42
N THR A 355 5.44 -47.30 29.88
CA THR A 355 5.18 -47.04 31.33
C THR A 355 4.90 -48.37 32.04
N THR A 356 4.18 -49.24 31.38
CA THR A 356 3.79 -50.56 31.91
C THR A 356 5.05 -51.41 32.12
N LEU A 357 5.91 -51.53 31.10
CA LEU A 357 7.12 -52.38 31.19
C LEU A 357 8.09 -51.78 32.22
N GLU A 358 8.27 -50.46 32.26
CA GLU A 358 9.07 -49.81 33.33
C GLU A 358 8.56 -50.32 34.68
N LYS A 359 7.24 -50.27 34.94
CA LYS A 359 6.66 -50.67 36.26
C LYS A 359 6.69 -52.21 36.39
N CYS A 360 6.29 -52.94 35.37
CA CYS A 360 5.97 -54.37 35.50
C CYS A 360 7.25 -55.20 35.57
N CYS A 361 8.34 -54.79 34.90
CA CYS A 361 9.58 -55.59 34.77
C CYS A 361 10.35 -55.60 36.10
N ALA A 362 10.16 -54.58 36.95
CA ALA A 362 10.62 -54.53 38.36
C ALA A 362 9.73 -55.35 39.33
N ALA A 363 8.51 -55.79 38.98
CA ALA A 363 7.55 -56.42 39.96
C ALA A 363 7.83 -57.91 40.18
N ALA A 364 7.13 -58.51 41.16
CA ALA A 364 7.26 -59.93 41.60
C ALA A 364 6.83 -60.87 40.46
N ASP A 365 5.61 -60.64 39.94
CA ASP A 365 5.08 -61.31 38.72
C ASP A 365 5.01 -60.26 37.60
N PRO A 366 6.12 -60.02 36.87
CA PRO A 366 6.07 -59.14 35.69
C PRO A 366 4.89 -59.42 34.72
N HIS A 367 4.76 -60.66 34.28
CA HIS A 367 3.69 -61.18 33.38
C HIS A 367 2.29 -60.96 33.99
N GLU A 368 2.09 -61.19 35.30
CA GLU A 368 0.84 -60.78 36.03
C GLU A 368 0.55 -59.34 35.64
N CYS A 369 1.49 -58.44 35.92
CA CYS A 369 1.43 -56.96 35.70
C CYS A 369 1.29 -56.57 34.18
N TYR A 370 2.19 -56.97 33.27
CA TYR A 370 2.20 -56.41 31.88
C TYR A 370 1.13 -57.06 30.99
N SER A 371 0.45 -58.10 31.52
CA SER A 371 -0.47 -59.04 30.81
C SER A 371 -1.73 -58.31 30.34
N LYS A 372 -2.27 -57.53 31.26
CA LYS A 372 -3.46 -56.70 31.25
C LYS A 372 -3.27 -55.43 30.39
N VAL A 373 -2.13 -55.24 29.70
CA VAL A 373 -1.87 -53.88 29.13
C VAL A 373 -2.94 -53.50 28.10
N PHE A 374 -3.34 -54.41 27.23
CA PHE A 374 -4.29 -54.12 26.12
C PHE A 374 -5.64 -53.59 26.67
N ASP A 375 -6.00 -53.94 27.90
CA ASP A 375 -7.10 -53.30 28.69
C ASP A 375 -6.96 -51.80 28.73
N GLU A 376 -5.81 -51.27 29.15
CA GLU A 376 -5.57 -49.82 29.23
C GLU A 376 -5.59 -49.19 27.83
N PHE A 377 -5.55 -49.97 26.76
CA PHE A 377 -5.47 -49.43 25.37
C PHE A 377 -6.86 -49.07 24.92
N LYS A 378 -7.85 -49.91 25.24
CA LYS A 378 -9.26 -49.74 24.83
C LYS A 378 -9.72 -48.32 25.12
N PRO A 379 -9.67 -47.79 26.36
CA PRO A 379 -10.19 -46.43 26.61
C PRO A 379 -9.42 -45.29 25.93
N LEU A 380 -8.11 -45.49 25.70
CA LEU A 380 -7.29 -44.53 24.94
C LEU A 380 -7.81 -44.45 23.50
N ILE A 381 -8.14 -45.59 22.90
CA ILE A 381 -8.61 -45.70 21.49
C ILE A 381 -10.00 -45.04 21.41
N GLU A 382 -10.85 -45.32 22.40
CA GLU A 382 -12.30 -44.96 22.39
C GLU A 382 -12.50 -43.45 22.57
N GLU A 383 -11.62 -42.75 23.27
CA GLU A 383 -11.84 -41.33 23.54
C GLU A 383 -11.83 -40.53 22.22
N PRO A 384 -10.78 -40.61 21.36
CA PRO A 384 -10.81 -39.87 20.10
C PRO A 384 -11.90 -40.42 19.18
N GLN A 385 -12.22 -41.73 19.22
CA GLN A 385 -13.20 -42.28 18.27
C GLN A 385 -14.58 -41.69 18.64
N ASN A 386 -14.86 -41.52 19.94
CA ASN A 386 -16.17 -41.02 20.41
C ASN A 386 -16.28 -39.50 20.19
N LEU A 387 -15.23 -38.72 20.43
CA LEU A 387 -15.24 -37.27 20.10
C LEU A 387 -15.53 -37.05 18.61
N ILE A 388 -14.88 -37.83 17.75
CA ILE A 388 -15.10 -37.73 16.27
C ILE A 388 -16.55 -38.07 15.93
N LYS A 389 -17.06 -39.18 16.47
CA LYS A 389 -18.48 -39.59 16.27
C LYS A 389 -19.36 -38.42 16.66
N GLN A 390 -19.22 -37.92 17.88
CA GLN A 390 -20.13 -36.88 18.43
C GLN A 390 -20.01 -35.60 17.58
N ASN A 391 -18.80 -35.21 17.19
CA ASN A 391 -18.64 -33.94 16.44
C ASN A 391 -19.21 -34.10 15.04
N CYS A 392 -18.99 -35.24 14.36
CA CYS A 392 -19.49 -35.46 12.97
C CYS A 392 -21.03 -35.60 13.00
N GLU A 393 -21.60 -36.26 14.01
CA GLU A 393 -23.07 -36.22 14.19
C GLU A 393 -23.56 -34.77 14.30
N LEU A 394 -22.92 -33.91 15.09
CA LEU A 394 -23.34 -32.51 15.26
C LEU A 394 -23.14 -31.77 13.93
N PHE A 395 -22.04 -32.00 13.23
CA PHE A 395 -21.78 -31.32 11.96
C PHE A 395 -22.90 -31.66 10.95
N GLU A 396 -23.30 -32.93 10.90
CA GLU A 396 -24.35 -33.47 10.01
C GLU A 396 -25.71 -32.81 10.37
N GLN A 397 -26.05 -32.69 11.68
CA GLN A 397 -27.32 -32.05 12.13
C GLN A 397 -27.35 -30.58 11.69
N LEU A 398 -26.25 -29.84 11.83
CA LEU A 398 -26.23 -28.36 11.68
C LEU A 398 -25.61 -28.02 10.32
N GLY A 399 -25.73 -26.79 9.85
CA GLY A 399 -24.84 -26.44 8.71
C GLY A 399 -23.34 -26.64 9.07
N GLU A 400 -22.41 -26.64 8.11
CA GLU A 400 -21.03 -26.14 8.36
C GLU A 400 -21.11 -24.83 9.16
N TYR A 401 -21.93 -23.89 8.75
CA TYR A 401 -22.03 -22.55 9.41
C TYR A 401 -22.55 -22.62 10.86
N LYS A 402 -23.69 -23.27 11.12
CA LYS A 402 -24.29 -23.41 12.49
C LYS A 402 -23.42 -24.38 13.35
N PHE A 403 -22.61 -25.26 12.75
CA PHE A 403 -21.64 -26.08 13.50
C PHE A 403 -20.58 -25.13 14.05
N GLN A 404 -20.06 -24.28 13.16
CA GLN A 404 -19.09 -23.23 13.60
C GLN A 404 -19.69 -22.46 14.78
N ASN A 405 -20.96 -22.09 14.73
CA ASN A 405 -21.55 -21.22 15.77
C ASN A 405 -21.58 -22.00 17.09
N ALA A 406 -21.88 -23.29 17.02
CA ALA A 406 -21.89 -24.18 18.20
C ALA A 406 -20.49 -24.26 18.81
N LEU A 407 -19.45 -24.35 17.96
CA LEU A 407 -18.04 -24.38 18.43
C LEU A 407 -17.67 -23.03 19.02
N LEU A 408 -18.18 -21.93 18.49
CA LEU A 408 -17.83 -20.58 18.99
C LEU A 408 -18.39 -20.48 20.40
N ILE A 409 -19.62 -20.94 20.64
CA ILE A 409 -20.23 -20.84 22.00
C ILE A 409 -19.42 -21.74 22.94
N ARG A 410 -19.15 -22.96 22.53
CA ARG A 410 -18.36 -23.97 23.33
C ARG A 410 -17.01 -23.37 23.70
N TYR A 411 -16.21 -22.91 22.73
CA TYR A 411 -14.80 -22.47 22.96
C TYR A 411 -14.72 -21.11 23.63
N THR A 412 -15.71 -20.24 23.40
CA THR A 412 -15.77 -18.94 24.09
C THR A 412 -16.05 -19.16 25.57
N LYS A 413 -16.98 -20.04 25.93
CA LYS A 413 -17.19 -20.35 27.38
C LYS A 413 -15.93 -21.01 27.99
N LYS A 414 -15.15 -21.76 27.22
CA LYS A 414 -13.96 -22.40 27.86
C LYS A 414 -12.81 -21.40 28.02
N VAL A 415 -12.54 -20.57 27.02
CA VAL A 415 -11.41 -19.60 27.06
C VAL A 415 -11.86 -18.22 26.59
N PRO A 416 -12.65 -17.51 27.41
CA PRO A 416 -13.24 -16.23 26.98
C PRO A 416 -12.27 -15.07 27.02
N GLN A 417 -11.03 -15.31 27.48
CA GLN A 417 -9.89 -14.34 27.48
C GLN A 417 -9.29 -14.25 26.05
N VAL A 418 -9.58 -15.18 25.17
CA VAL A 418 -9.05 -15.16 23.78
C VAL A 418 -9.79 -14.04 23.03
N SER A 419 -9.08 -13.31 22.18
CA SER A 419 -9.65 -12.18 21.40
C SER A 419 -10.77 -12.74 20.53
N THR A 420 -11.75 -11.92 20.23
CA THR A 420 -12.90 -12.26 19.38
C THR A 420 -12.39 -12.72 18.03
N PRO A 421 -11.55 -11.95 17.32
CA PRO A 421 -11.21 -12.36 15.95
C PRO A 421 -10.61 -13.77 15.91
N THR A 422 -9.76 -14.12 16.87
CA THR A 422 -9.11 -15.44 16.97
C THR A 422 -10.13 -16.55 17.26
N LEU A 423 -11.12 -16.29 18.15
CA LEU A 423 -12.19 -17.28 18.47
C LEU A 423 -12.95 -17.53 17.18
N VAL A 424 -13.33 -16.45 16.48
CA VAL A 424 -13.98 -16.63 15.17
C VAL A 424 -13.08 -17.42 14.19
N GLU A 425 -11.79 -17.15 14.07
CA GLU A 425 -10.99 -17.86 13.04
C GLU A 425 -10.76 -19.31 13.50
N VAL A 426 -10.68 -19.59 14.80
CA VAL A 426 -10.48 -21.00 15.32
C VAL A 426 -11.76 -21.81 15.14
N ALA A 427 -12.93 -21.26 15.46
CA ALA A 427 -14.23 -21.96 15.27
C ALA A 427 -14.47 -22.15 13.77
N ARG A 428 -14.15 -21.16 12.96
CA ARG A 428 -14.34 -21.31 11.49
C ARG A 428 -13.39 -22.37 10.92
N ASN A 429 -12.12 -22.35 11.26
CA ASN A 429 -11.15 -23.40 10.81
C ASN A 429 -11.59 -24.78 11.34
N LEU A 430 -11.98 -24.89 12.61
CA LEU A 430 -12.46 -26.20 13.15
C LEU A 430 -13.68 -26.64 12.34
N GLY A 431 -14.58 -25.71 12.01
CA GLY A 431 -15.75 -26.09 11.20
C GLY A 431 -15.31 -26.73 9.91
N LYS A 432 -14.25 -26.18 9.32
CA LYS A 432 -13.73 -26.66 8.02
C LYS A 432 -13.11 -28.05 8.22
N VAL A 433 -12.48 -28.33 9.35
CA VAL A 433 -11.94 -29.69 9.65
C VAL A 433 -13.12 -30.69 9.72
N GLY A 434 -14.26 -30.29 10.28
CA GLY A 434 -15.47 -31.14 10.29
C GLY A 434 -15.96 -31.39 8.86
N SER A 435 -16.10 -30.36 8.06
CA SER A 435 -16.48 -30.54 6.64
C SER A 435 -15.50 -31.52 5.99
N LYS A 436 -14.20 -31.31 6.11
CA LYS A 436 -13.23 -32.15 5.36
C LYS A 436 -13.39 -33.57 5.89
N CYS A 437 -13.10 -33.80 7.19
CA CYS A 437 -12.83 -35.14 7.74
C CYS A 437 -14.11 -35.95 8.01
N CYS A 438 -15.29 -35.31 8.21
CA CYS A 438 -16.57 -36.05 8.43
C CYS A 438 -17.05 -36.75 7.14
N LYS A 439 -16.58 -36.32 5.98
CA LYS A 439 -16.78 -37.04 4.68
C LYS A 439 -15.93 -38.30 4.59
N HIS A 440 -14.95 -38.53 5.46
CA HIS A 440 -14.27 -39.86 5.48
C HIS A 440 -15.17 -40.89 6.16
N PRO A 441 -15.05 -42.20 5.85
CA PRO A 441 -15.66 -43.23 6.71
C PRO A 441 -14.83 -43.25 8.01
N GLU A 442 -15.38 -43.79 9.08
CA GLU A 442 -14.72 -43.85 10.42
C GLU A 442 -13.33 -44.51 10.28
N ALA A 443 -13.09 -45.34 9.27
CA ALA A 443 -11.77 -45.97 9.04
C ALA A 443 -10.68 -44.92 8.77
N LYS A 444 -11.03 -43.71 8.31
CA LYS A 444 -10.03 -42.72 7.85
C LYS A 444 -10.21 -41.42 8.60
N ARG A 445 -11.17 -41.40 9.54
CA ARG A 445 -11.51 -40.13 10.21
C ARG A 445 -10.37 -39.76 11.15
N MET A 446 -9.82 -40.70 11.91
CA MET A 446 -8.93 -40.24 13.01
C MET A 446 -7.68 -39.65 12.40
N PRO A 447 -7.10 -40.26 11.37
CA PRO A 447 -5.88 -39.67 10.77
C PRO A 447 -6.17 -38.31 10.12
N CYS A 448 -7.33 -38.16 9.52
CA CYS A 448 -7.71 -36.85 8.89
C CYS A 448 -7.80 -35.80 9.97
N ALA A 449 -8.57 -36.10 10.99
CA ALA A 449 -8.78 -35.17 12.11
C ALA A 449 -7.40 -34.86 12.66
N GLU A 450 -6.54 -35.86 12.90
CA GLU A 450 -5.17 -35.55 13.39
C GLU A 450 -4.43 -34.57 12.48
N ASP A 451 -4.38 -34.83 11.19
CA ASP A 451 -3.57 -33.99 10.27
C ASP A 451 -4.03 -32.51 10.35
N TYR A 452 -5.34 -32.25 10.42
CA TYR A 452 -5.92 -30.88 10.31
C TYR A 452 -6.02 -30.24 11.71
N LEU A 453 -6.25 -31.00 12.79
CA LEU A 453 -6.36 -30.40 14.15
C LEU A 453 -5.00 -30.00 14.62
N SER A 454 -3.99 -30.82 14.38
CA SER A 454 -2.61 -30.50 14.82
C SER A 454 -2.19 -29.14 14.24
N ILE A 455 -2.57 -28.85 13.00
CA ILE A 455 -2.28 -27.57 12.32
C ILE A 455 -3.02 -26.47 13.07
N VAL A 456 -4.30 -26.64 13.31
CA VAL A 456 -5.08 -25.54 13.95
C VAL A 456 -4.40 -25.29 15.30
N LEU A 457 -4.03 -26.36 16.01
CA LEU A 457 -3.51 -26.25 17.39
C LEU A 457 -2.13 -25.63 17.33
N ASN A 458 -1.26 -25.98 16.37
CA ASN A 458 0.07 -25.29 16.25
C ASN A 458 -0.12 -23.80 16.02
N GLN A 459 -1.03 -23.42 15.12
CA GLN A 459 -1.32 -22.01 14.78
C GLN A 459 -1.70 -21.29 16.09
N LEU A 460 -2.71 -21.83 16.79
CA LEU A 460 -3.25 -21.27 18.05
C LEU A 460 -2.12 -21.10 19.06
N CYS A 461 -1.28 -22.10 19.25
CA CYS A 461 -0.21 -22.07 20.29
C CYS A 461 0.87 -21.02 19.95
N VAL A 462 1.29 -20.93 18.69
CA VAL A 462 2.21 -19.85 18.16
C VAL A 462 1.64 -18.51 18.55
N LEU A 463 0.37 -18.27 18.19
CA LEU A 463 -0.34 -16.99 18.46
C LEU A 463 -0.31 -16.73 19.94
N HIS A 464 -0.67 -17.72 20.74
CA HIS A 464 -0.79 -17.54 22.22
C HIS A 464 0.60 -17.34 22.81
N GLU A 465 1.64 -17.97 22.27
CA GLU A 465 3.02 -17.75 22.81
C GLU A 465 3.34 -16.25 22.65
N LYS A 466 2.89 -15.64 21.55
CA LYS A 466 3.21 -14.23 21.22
C LYS A 466 2.42 -13.30 22.14
N THR A 467 1.12 -13.55 22.34
CA THR A 467 0.28 -12.73 23.25
C THR A 467 -0.55 -13.66 24.13
N PRO A 468 0.04 -14.14 25.25
CA PRO A 468 -0.67 -15.06 26.15
C PRO A 468 -1.89 -14.41 26.81
N VAL A 469 -2.98 -15.17 27.02
CA VAL A 469 -4.19 -14.68 27.71
C VAL A 469 -4.72 -15.67 28.75
N SER A 470 -4.36 -16.94 28.68
CA SER A 470 -4.89 -17.98 29.60
C SER A 470 -3.76 -18.95 30.01
N ASP A 471 -3.56 -19.13 31.31
CA ASP A 471 -2.68 -20.19 31.86
C ASP A 471 -3.07 -21.53 31.23
N ARG A 472 -4.37 -21.79 31.05
CA ARG A 472 -4.85 -23.16 30.67
C ARG A 472 -4.37 -23.47 29.25
N VAL A 473 -4.46 -22.52 28.36
CA VAL A 473 -3.94 -22.65 26.96
C VAL A 473 -2.42 -22.79 26.98
N THR A 474 -1.71 -22.06 27.85
CA THR A 474 -0.24 -22.25 27.93
C THR A 474 0.03 -23.70 28.35
N LYS A 475 -0.65 -24.19 29.38
CA LYS A 475 -0.49 -25.61 29.79
C LYS A 475 -0.74 -26.50 28.58
N CYS A 476 -1.81 -26.32 27.81
CA CYS A 476 -2.10 -27.26 26.70
C CYS A 476 -1.01 -27.11 25.63
N CYS A 477 -0.47 -25.93 25.39
CA CYS A 477 0.43 -25.71 24.23
C CYS A 477 1.84 -26.19 24.53
N THR A 478 2.18 -26.26 25.81
CA THR A 478 3.54 -26.64 26.25
C THR A 478 3.48 -28.10 26.72
N GLU A 479 2.31 -28.73 26.65
CA GLU A 479 2.11 -30.18 26.98
C GLU A 479 3.02 -31.06 26.14
N SER A 480 3.19 -32.31 26.53
CA SER A 480 3.81 -33.32 25.66
C SER A 480 3.05 -33.38 24.32
N LEU A 481 3.75 -33.82 23.27
CA LEU A 481 3.19 -34.02 21.90
C LEU A 481 1.92 -34.87 21.98
N VAL A 482 1.91 -35.90 22.81
CA VAL A 482 0.72 -36.79 22.85
C VAL A 482 -0.40 -36.14 23.71
N ASN A 483 -0.11 -35.26 24.65
CA ASN A 483 -1.11 -34.83 25.65
C ASN A 483 -1.82 -33.57 25.12
N ARG A 484 -1.28 -32.89 24.11
CA ARG A 484 -1.76 -31.52 23.74
C ARG A 484 -3.25 -31.56 23.45
N ARG A 485 -3.70 -32.33 22.46
CA ARG A 485 -5.12 -32.39 22.05
C ARG A 485 -6.00 -32.88 23.22
N PRO A 486 -5.71 -33.98 23.95
CA PRO A 486 -6.48 -34.33 25.15
C PRO A 486 -6.54 -33.19 26.17
N CYS A 487 -5.47 -32.46 26.35
CA CYS A 487 -5.44 -31.33 27.30
C CYS A 487 -6.49 -30.30 26.81
N PHE A 488 -6.50 -29.97 25.51
CA PHE A 488 -7.47 -28.96 24.98
C PHE A 488 -8.91 -29.48 25.12
N SER A 489 -9.11 -30.78 24.82
CA SER A 489 -10.36 -31.54 25.04
C SER A 489 -10.81 -31.51 26.51
N ALA A 490 -9.91 -31.54 27.48
CA ALA A 490 -10.24 -31.49 28.93
C ALA A 490 -10.59 -30.07 29.42
N LEU A 491 -10.33 -29.01 28.66
CA LEU A 491 -10.73 -27.63 29.09
C LEU A 491 -12.22 -27.61 29.43
N GLU A 492 -12.54 -26.99 30.56
CA GLU A 492 -13.90 -26.86 31.09
C GLU A 492 -14.28 -25.40 30.90
N VAL A 493 -15.53 -25.11 31.17
CA VAL A 493 -16.05 -23.72 31.12
C VAL A 493 -15.25 -22.92 32.15
N ASP A 494 -14.78 -21.72 31.78
CA ASP A 494 -14.01 -20.85 32.72
C ASP A 494 -14.94 -20.39 33.86
N GLU A 495 -14.72 -20.93 35.06
CA GLU A 495 -15.49 -20.59 36.29
C GLU A 495 -15.15 -19.18 36.78
N THR A 496 -13.94 -18.67 36.52
CA THR A 496 -13.44 -17.43 37.16
C THR A 496 -13.68 -16.21 36.26
N TYR A 497 -13.96 -16.36 34.96
CA TYR A 497 -14.05 -15.21 34.01
C TYR A 497 -15.01 -14.16 34.56
N VAL A 498 -14.63 -12.89 34.51
CA VAL A 498 -15.51 -11.72 34.79
C VAL A 498 -16.26 -11.39 33.49
N PRO A 499 -17.61 -11.46 33.44
CA PRO A 499 -18.30 -11.07 32.22
C PRO A 499 -17.75 -9.75 31.65
N LYS A 500 -17.63 -9.63 30.34
CA LYS A 500 -17.37 -8.33 29.66
C LYS A 500 -18.54 -7.36 29.89
N GLU A 501 -18.23 -6.08 30.15
CA GLU A 501 -19.22 -4.98 30.31
C GLU A 501 -20.03 -4.84 29.03
N PHE A 502 -21.32 -4.62 29.15
CA PHE A 502 -22.25 -4.34 28.02
C PHE A 502 -21.67 -3.21 27.20
N ASN A 503 -21.69 -3.38 25.88
CA ASN A 503 -21.35 -2.30 24.95
C ASN A 503 -22.39 -2.30 23.83
N ALA A 504 -23.36 -1.38 23.93
CA ALA A 504 -24.44 -1.17 22.93
C ALA A 504 -23.84 -1.23 21.52
N GLU A 505 -22.75 -0.51 21.25
CA GLU A 505 -22.11 -0.48 19.90
C GLU A 505 -21.88 -1.91 19.37
N THR A 506 -21.49 -2.84 20.23
CA THR A 506 -21.07 -4.21 19.81
C THR A 506 -22.28 -4.98 19.24
N PHE A 507 -23.48 -4.68 19.72
CA PHE A 507 -24.71 -5.40 19.33
C PHE A 507 -25.65 -4.51 18.54
N THR A 508 -25.11 -3.49 17.86
CA THR A 508 -25.92 -2.59 16.99
C THR A 508 -25.55 -2.95 15.56
N PHE A 509 -26.56 -3.28 14.77
CA PHE A 509 -26.40 -3.70 13.38
C PHE A 509 -26.88 -2.56 12.48
N HIS A 510 -26.44 -2.53 11.22
CA HIS A 510 -26.87 -1.55 10.18
C HIS A 510 -27.27 -2.28 8.89
N ALA A 511 -27.89 -1.58 7.97
CA ALA A 511 -28.47 -2.18 6.75
C ALA A 511 -27.32 -2.69 5.85
N ASP A 512 -26.10 -2.20 6.09
CA ASP A 512 -24.82 -2.72 5.52
C ASP A 512 -24.81 -4.26 5.53
N ILE A 513 -25.33 -4.89 6.60
CA ILE A 513 -25.28 -6.37 6.81
C ILE A 513 -25.92 -7.10 5.61
N CYS A 514 -26.97 -6.51 5.00
CA CYS A 514 -27.79 -7.15 3.93
C CYS A 514 -26.95 -7.33 2.65
N THR A 515 -26.03 -6.40 2.38
CA THR A 515 -25.31 -6.28 1.09
C THR A 515 -23.95 -6.99 1.22
N LEU A 516 -23.36 -7.01 2.43
CA LEU A 516 -22.10 -7.74 2.70
C LEU A 516 -22.13 -9.10 1.97
N SER A 517 -20.96 -9.58 1.49
CA SER A 517 -20.74 -10.99 1.05
C SER A 517 -21.20 -11.97 2.16
N GLU A 518 -21.49 -13.22 1.79
CA GLU A 518 -21.87 -14.31 2.73
C GLU A 518 -20.79 -14.44 3.79
N GLU A 519 -19.57 -14.80 3.36
CA GLU A 519 -18.40 -14.99 4.24
C GLU A 519 -18.40 -13.84 5.25
N GLU A 520 -18.52 -12.58 4.75
CA GLU A 520 -18.30 -11.39 5.60
C GLU A 520 -19.49 -11.22 6.53
N ARG A 521 -20.71 -11.57 6.05
CA ARG A 521 -21.95 -11.48 6.86
C ARG A 521 -21.86 -12.48 8.01
N GLN A 522 -21.40 -13.69 7.70
CA GLN A 522 -21.22 -14.79 8.70
C GLN A 522 -20.19 -14.37 9.76
N ILE A 523 -19.06 -13.80 9.36
CA ILE A 523 -18.02 -13.27 10.27
C ILE A 523 -18.61 -12.15 11.14
N LYS A 524 -19.41 -11.22 10.59
CA LYS A 524 -19.95 -10.12 11.42
C LYS A 524 -20.87 -10.73 12.48
N LYS A 525 -21.72 -11.67 12.11
CA LYS A 525 -22.65 -12.34 13.06
C LYS A 525 -21.90 -13.22 14.08
N GLN A 526 -20.83 -13.88 13.67
CA GLN A 526 -20.08 -14.80 14.57
C GLN A 526 -19.31 -13.95 15.60
N THR A 527 -18.83 -12.78 15.16
CA THR A 527 -18.21 -11.77 16.06
C THR A 527 -19.20 -11.39 17.15
N ALA A 528 -20.42 -11.03 16.77
CA ALA A 528 -21.43 -10.55 17.74
C ALA A 528 -21.78 -11.70 18.73
N LEU A 529 -21.85 -12.94 18.24
CA LEU A 529 -22.16 -14.17 19.04
C LEU A 529 -21.08 -14.37 20.10
N VAL A 530 -19.79 -14.25 19.74
CA VAL A 530 -18.67 -14.29 20.73
C VAL A 530 -18.86 -13.21 21.79
N GLU A 531 -19.12 -11.99 21.34
CA GLU A 531 -19.31 -10.82 22.23
C GLU A 531 -20.53 -11.06 23.12
N LEU A 532 -21.65 -11.57 22.58
CA LEU A 532 -22.80 -11.99 23.41
C LEU A 532 -22.32 -12.99 24.48
N VAL A 533 -21.47 -13.96 24.10
CA VAL A 533 -21.08 -15.01 25.11
C VAL A 533 -20.12 -14.41 26.15
N LYS A 534 -19.20 -13.53 25.76
CA LYS A 534 -18.26 -12.88 26.69
C LYS A 534 -19.04 -12.01 27.67
N HIS A 535 -20.16 -11.51 27.21
CA HIS A 535 -21.03 -10.65 28.05
C HIS A 535 -21.97 -11.50 28.92
N LYS A 536 -22.53 -12.62 28.43
CA LYS A 536 -23.49 -13.46 29.20
C LYS A 536 -22.98 -14.91 29.20
N PRO A 537 -21.85 -15.15 29.89
CA PRO A 537 -21.19 -16.46 29.83
C PRO A 537 -22.01 -17.57 30.54
N LYS A 538 -22.94 -17.20 31.42
CA LYS A 538 -23.82 -18.15 32.14
C LYS A 538 -25.08 -18.44 31.30
N ALA A 539 -25.23 -17.84 30.12
CA ALA A 539 -26.42 -18.10 29.27
C ALA A 539 -26.49 -19.60 28.98
N THR A 540 -27.67 -20.21 29.07
CA THR A 540 -27.92 -21.63 28.76
C THR A 540 -28.07 -21.75 27.24
N LYS A 541 -28.02 -22.98 26.72
CA LYS A 541 -28.12 -23.19 25.24
C LYS A 541 -29.54 -22.76 24.80
N GLU A 542 -30.55 -22.90 25.68
CA GLU A 542 -31.96 -22.47 25.41
C GLU A 542 -31.99 -20.95 25.29
N GLN A 543 -31.39 -20.23 26.26
CA GLN A 543 -31.35 -18.74 26.29
C GLN A 543 -30.61 -18.24 25.05
N LEU A 544 -29.46 -18.82 24.69
CA LEU A 544 -28.63 -18.27 23.57
C LEU A 544 -29.39 -18.56 22.29
N LYS A 545 -29.98 -19.76 22.18
CA LYS A 545 -30.71 -20.16 20.97
C LYS A 545 -31.88 -19.18 20.79
N ALA A 546 -32.65 -18.88 21.86
CA ALA A 546 -33.79 -17.91 21.83
C ALA A 546 -33.30 -16.58 21.25
N VAL A 547 -32.22 -16.01 21.83
CA VAL A 547 -31.63 -14.69 21.43
C VAL A 547 -31.14 -14.70 19.97
N MET A 548 -30.50 -15.78 19.52
CA MET A 548 -29.96 -15.93 18.14
C MET A 548 -31.10 -16.05 17.11
N ASP A 549 -32.22 -16.70 17.45
CA ASP A 549 -33.35 -16.82 16.49
C ASP A 549 -34.08 -15.46 16.35
N ASP A 550 -34.26 -14.73 17.47
CA ASP A 550 -34.77 -13.32 17.48
C ASP A 550 -33.84 -12.44 16.63
N PHE A 551 -32.51 -12.57 16.80
CA PHE A 551 -31.55 -11.86 15.94
C PHE A 551 -31.85 -12.20 14.47
N SER A 552 -32.04 -13.48 14.19
CA SER A 552 -32.16 -13.98 12.79
C SER A 552 -33.48 -13.47 12.17
N ALA A 553 -34.57 -13.51 12.93
CA ALA A 553 -35.89 -12.93 12.57
C ALA A 553 -35.74 -11.42 12.34
N PHE A 554 -34.92 -10.76 13.16
CA PHE A 554 -34.69 -9.29 13.13
C PHE A 554 -33.98 -8.89 11.82
N VAL A 555 -32.93 -9.58 11.46
CA VAL A 555 -32.20 -9.38 10.17
C VAL A 555 -33.15 -9.73 9.01
N GLU A 556 -33.94 -10.82 9.09
CA GLU A 556 -34.82 -11.24 7.97
C GLU A 556 -35.94 -10.21 7.80
N LYS A 557 -36.39 -9.60 8.89
CA LYS A 557 -37.42 -8.52 8.92
C LYS A 557 -36.78 -7.24 8.32
N CYS A 558 -35.60 -6.84 8.80
CA CYS A 558 -35.06 -5.49 8.57
C CYS A 558 -34.35 -5.33 7.20
N CYS A 559 -34.04 -6.45 6.52
CA CYS A 559 -33.32 -6.45 5.21
C CYS A 559 -34.33 -6.41 4.05
N LYS A 560 -35.62 -6.53 4.38
CA LYS A 560 -36.78 -6.63 3.44
C LYS A 560 -37.76 -5.49 3.71
N ALA A 561 -37.45 -4.57 4.63
CA ALA A 561 -38.38 -3.50 5.10
C ALA A 561 -38.32 -2.33 4.11
N ASP A 562 -39.45 -1.62 3.92
CA ASP A 562 -39.50 -0.36 3.13
C ASP A 562 -38.29 0.50 3.56
N ASP A 563 -38.20 0.90 4.83
CA ASP A 563 -37.09 1.73 5.40
C ASP A 563 -36.17 0.82 6.24
N LYS A 564 -35.18 0.21 5.56
CA LYS A 564 -34.08 -0.61 6.12
C LYS A 564 -33.51 0.10 7.37
N GLU A 565 -32.82 1.24 7.20
CA GLU A 565 -32.06 1.92 8.28
C GLU A 565 -32.97 2.15 9.50
N THR A 566 -34.11 2.86 9.40
CA THR A 566 -34.98 3.13 10.58
C THR A 566 -35.22 1.83 11.36
N CYS A 567 -35.54 0.73 10.68
CA CYS A 567 -36.02 -0.47 11.42
C CYS A 567 -34.81 -1.13 12.08
N PHE A 568 -33.64 -1.10 11.43
CA PHE A 568 -32.35 -1.59 12.00
C PHE A 568 -32.05 -0.88 13.32
N ALA A 569 -32.26 0.45 13.35
CA ALA A 569 -32.11 1.30 14.55
C ALA A 569 -33.23 0.96 15.56
N GLU A 570 -34.51 1.04 15.19
CA GLU A 570 -35.62 0.95 16.22
C GLU A 570 -35.84 -0.51 16.66
N GLU A 571 -35.85 -1.45 15.72
CA GLU A 571 -36.05 -2.88 16.07
C GLU A 571 -34.77 -3.37 16.76
N GLY A 572 -33.63 -2.73 16.46
CA GLY A 572 -32.31 -3.01 17.09
C GLY A 572 -32.32 -2.68 18.58
N LYS A 573 -32.85 -1.52 18.94
CA LYS A 573 -33.02 -1.10 20.35
C LYS A 573 -33.93 -2.09 21.12
N LYS A 574 -34.95 -2.64 20.44
CA LYS A 574 -35.92 -3.58 21.06
C LYS A 574 -35.17 -4.92 21.26
N LEU A 575 -34.56 -5.47 20.23
CA LEU A 575 -33.69 -6.69 20.26
C LEU A 575 -32.70 -6.64 21.44
N ILE A 576 -31.92 -5.56 21.53
CA ILE A 576 -30.95 -5.36 22.63
C ILE A 576 -31.70 -5.39 23.98
N ALA A 577 -32.77 -4.63 24.14
CA ALA A 577 -33.52 -4.57 25.43
C ALA A 577 -34.08 -5.96 25.81
N ALA A 578 -34.80 -6.63 24.91
CA ALA A 578 -35.44 -7.94 25.20
C ALA A 578 -34.34 -8.97 25.59
N SER A 579 -33.27 -8.94 24.82
CA SER A 579 -32.11 -9.85 25.01
C SER A 579 -31.53 -9.63 26.41
N GLN A 580 -31.27 -8.40 26.80
CA GLN A 580 -30.69 -8.12 28.13
C GLN A 580 -31.65 -8.67 29.17
N ALA A 581 -32.96 -8.52 28.99
CA ALA A 581 -33.92 -8.90 30.04
C ALA A 581 -33.94 -10.44 30.16
N ALA A 582 -33.90 -11.17 29.05
CA ALA A 582 -34.03 -12.63 28.93
C ALA A 582 -32.77 -13.32 29.50
N LEU A 583 -31.60 -12.71 29.30
CA LEU A 583 -30.28 -13.19 29.79
C LEU A 583 -29.98 -12.56 31.16
N GLY A 584 -28.97 -13.07 31.87
CA GLY A 584 -28.43 -12.40 33.06
N HIS B 3 -34.13 30.24 2.96
CA HIS B 3 -34.30 28.82 3.47
C HIS B 3 -34.50 28.81 4.99
N LYS B 4 -35.46 28.02 5.48
CA LYS B 4 -35.69 27.75 6.93
C LYS B 4 -34.46 27.00 7.50
N SER B 5 -33.83 26.10 6.71
CA SER B 5 -32.72 25.21 7.16
C SER B 5 -31.62 25.19 6.08
N GLU B 6 -30.58 26.00 6.28
CA GLU B 6 -29.41 26.08 5.38
C GLU B 6 -28.64 24.76 5.47
N VAL B 7 -28.59 24.11 6.64
CA VAL B 7 -27.90 22.80 6.81
C VAL B 7 -28.69 21.80 5.97
N ALA B 8 -30.01 21.92 5.94
CA ALA B 8 -30.86 20.99 5.17
C ALA B 8 -30.64 21.29 3.70
N HIS B 9 -30.51 22.55 3.38
CA HIS B 9 -30.41 22.98 1.97
C HIS B 9 -29.06 22.48 1.43
N ARG B 10 -27.98 22.66 2.18
CA ARG B 10 -26.63 22.21 1.72
C ARG B 10 -26.59 20.69 1.64
N PHE B 11 -27.17 20.00 2.62
CA PHE B 11 -27.20 18.53 2.61
C PHE B 11 -27.93 18.09 1.35
N LYS B 12 -29.06 18.71 1.05
CA LYS B 12 -29.85 18.34 -0.16
C LYS B 12 -29.11 18.72 -1.45
N ASP B 13 -28.50 19.91 -1.58
CA ASP B 13 -27.71 20.29 -2.79
C ASP B 13 -26.51 19.35 -2.92
N LEU B 14 -25.62 19.29 -1.91
CA LEU B 14 -24.33 18.52 -1.96
C LEU B 14 -24.58 17.04 -2.08
N GLY B 15 -25.64 16.54 -1.43
CA GLY B 15 -25.75 15.08 -1.24
C GLY B 15 -24.85 14.60 -0.12
N GLU B 16 -25.17 13.44 0.38
CA GLU B 16 -24.72 12.95 1.69
C GLU B 16 -23.22 12.62 1.57
N GLU B 17 -22.79 12.01 0.47
CA GLU B 17 -21.34 11.66 0.35
C GLU B 17 -20.53 12.96 0.37
N ASN B 18 -20.90 13.90 -0.47
CA ASN B 18 -20.13 15.17 -0.50
C ASN B 18 -20.23 15.90 0.83
N PHE B 19 -21.41 15.99 1.39
CA PHE B 19 -21.59 16.64 2.70
C PHE B 19 -20.56 16.11 3.70
N LYS B 20 -20.51 14.79 3.90
CA LYS B 20 -19.71 14.15 4.98
C LYS B 20 -18.23 14.46 4.78
N ALA B 21 -17.76 14.35 3.54
CA ALA B 21 -16.37 14.70 3.14
C ALA B 21 -16.08 16.17 3.43
N LEU B 22 -16.97 17.11 3.07
CA LEU B 22 -16.60 18.54 3.24
C LEU B 22 -16.64 18.85 4.72
N VAL B 23 -17.55 18.24 5.48
CA VAL B 23 -17.57 18.53 6.94
C VAL B 23 -16.27 18.01 7.57
N LEU B 24 -15.78 16.87 7.10
CA LEU B 24 -14.53 16.29 7.66
C LEU B 24 -13.41 17.27 7.35
N ILE B 25 -13.39 17.79 6.12
CA ILE B 25 -12.25 18.67 5.69
C ILE B 25 -12.30 19.86 6.62
N ALA B 26 -13.48 20.48 6.71
CA ALA B 26 -13.69 21.73 7.46
C ALA B 26 -13.27 21.51 8.89
N PHE B 27 -13.61 20.38 9.53
CA PHE B 27 -13.18 20.16 10.93
C PHE B 27 -11.66 19.93 10.99
N ALA B 28 -11.12 19.17 10.02
CA ALA B 28 -9.66 18.87 9.98
C ALA B 28 -8.87 20.19 9.83
N GLN B 29 -9.44 21.19 9.15
CA GLN B 29 -8.76 22.48 8.85
C GLN B 29 -8.79 23.42 10.05
N TYR B 30 -9.69 23.21 11.02
CA TYR B 30 -9.73 24.03 12.26
C TYR B 30 -9.17 23.26 13.43
N LEU B 31 -9.35 21.92 13.45
CA LEU B 31 -8.89 21.05 14.54
C LEU B 31 -7.75 20.17 14.02
N GLN B 32 -6.62 20.82 13.74
CA GLN B 32 -5.43 20.27 13.04
C GLN B 32 -4.69 19.25 13.91
N GLN B 33 -4.97 19.19 15.22
CA GLN B 33 -4.31 18.24 16.18
C GLN B 33 -5.25 17.18 16.76
N CYS B 34 -6.54 17.16 16.38
N CYS B 34 -6.54 17.17 16.37
CA CYS B 34 -7.51 16.14 16.85
CA CYS B 34 -7.53 16.15 16.83
C CYS B 34 -7.26 14.85 16.09
C CYS B 34 -7.25 14.85 16.08
N PRO B 35 -7.39 13.68 16.75
CA PRO B 35 -7.26 12.40 16.09
C PRO B 35 -8.36 12.10 15.07
N PHE B 36 -7.99 11.41 13.98
CA PHE B 36 -8.90 11.07 12.87
C PHE B 36 -10.23 10.52 13.42
N GLU B 37 -10.15 9.51 14.31
CA GLU B 37 -11.31 8.78 14.87
C GLU B 37 -12.29 9.80 15.48
N ASP B 38 -11.83 10.81 16.21
CA ASP B 38 -12.70 11.82 16.91
C ASP B 38 -13.36 12.79 15.90
N LEU B 39 -12.68 13.17 14.82
CA LEU B 39 -13.33 13.97 13.76
C LEU B 39 -14.38 13.10 13.05
N VAL B 40 -14.12 11.81 12.87
CA VAL B 40 -15.10 10.95 12.14
C VAL B 40 -16.35 10.91 13.02
N LYS B 41 -16.18 10.89 14.34
CA LYS B 41 -17.37 10.84 15.22
C LYS B 41 -18.11 12.19 15.08
N MET B 42 -17.42 13.31 15.00
CA MET B 42 -18.07 14.65 14.88
C MET B 42 -18.81 14.76 13.53
N VAL B 43 -18.19 14.33 12.44
CA VAL B 43 -18.86 14.29 11.12
C VAL B 43 -20.11 13.43 11.18
N ASN B 44 -20.04 12.25 11.79
CA ASN B 44 -21.24 11.38 11.83
C ASN B 44 -22.36 12.06 12.64
N GLU B 45 -22.06 12.72 13.76
CA GLU B 45 -23.09 13.38 14.60
C GLU B 45 -23.67 14.57 13.81
N VAL B 46 -22.82 15.31 13.09
CA VAL B 46 -23.31 16.43 12.25
C VAL B 46 -24.18 15.87 11.11
N THR B 47 -23.84 14.74 10.53
CA THR B 47 -24.59 14.15 9.40
C THR B 47 -25.97 13.71 9.88
N GLU B 48 -26.06 13.11 11.07
CA GLU B 48 -27.35 12.63 11.59
C GLU B 48 -28.23 13.86 11.87
N PHE B 49 -27.64 14.90 12.45
CA PHE B 49 -28.37 16.15 12.75
C PHE B 49 -28.90 16.76 11.45
N ALA B 50 -28.06 16.84 10.40
CA ALA B 50 -28.48 17.31 9.07
C ALA B 50 -29.69 16.49 8.61
N LYS B 51 -29.70 15.20 8.78
CA LYS B 51 -30.85 14.42 8.29
C LYS B 51 -32.13 14.75 9.06
N THR B 52 -32.10 15.05 10.36
CA THR B 52 -33.34 15.45 11.09
C THR B 52 -33.84 16.74 10.44
N CYS B 53 -32.95 17.59 9.91
CA CYS B 53 -33.33 18.88 9.30
C CYS B 53 -33.92 18.67 7.89
N VAL B 54 -33.40 17.71 7.12
CA VAL B 54 -33.96 17.23 5.83
C VAL B 54 -35.33 16.60 6.12
N ALA B 55 -35.53 15.85 7.21
CA ALA B 55 -36.84 15.25 7.56
C ALA B 55 -37.83 16.37 7.89
N ASP B 56 -37.36 17.46 8.52
CA ASP B 56 -38.20 18.52 9.16
C ASP B 56 -37.41 19.83 9.26
N GLU B 57 -37.58 20.78 8.35
CA GLU B 57 -36.76 22.03 8.41
C GLU B 57 -37.12 22.74 9.72
N SER B 58 -38.21 22.33 10.36
CA SER B 58 -38.64 22.99 11.61
C SER B 58 -37.98 22.39 12.84
N ALA B 59 -37.34 21.21 12.77
CA ALA B 59 -36.84 20.47 13.96
C ALA B 59 -35.83 21.37 14.72
N GLU B 60 -35.67 21.19 16.03
CA GLU B 60 -34.82 22.05 16.91
C GLU B 60 -33.45 22.27 16.25
N ASN B 61 -32.97 23.52 16.22
CA ASN B 61 -31.60 23.97 15.86
C ASN B 61 -31.36 23.95 14.36
N CYS B 62 -32.22 23.28 13.58
CA CYS B 62 -32.18 23.30 12.10
C CYS B 62 -32.26 24.72 11.52
N ASP B 63 -32.76 25.70 12.29
CA ASP B 63 -32.85 27.13 11.86
C ASP B 63 -31.48 27.83 11.99
N LYS B 64 -30.54 27.34 12.80
CA LYS B 64 -29.24 28.04 13.06
C LYS B 64 -28.49 28.23 11.73
N SER B 65 -27.54 29.16 11.64
CA SER B 65 -26.72 29.35 10.41
C SER B 65 -25.60 28.28 10.39
N LEU B 66 -24.98 28.03 9.24
CA LEU B 66 -23.84 27.08 9.12
C LEU B 66 -22.72 27.52 10.06
N HIS B 67 -22.34 28.80 10.00
CA HIS B 67 -21.32 29.39 10.92
C HIS B 67 -21.66 29.02 12.36
N THR B 68 -22.91 29.22 12.78
CA THR B 68 -23.39 28.96 14.15
C THR B 68 -23.26 27.49 14.53
N LEU B 69 -23.79 26.59 13.71
CA LEU B 69 -23.76 25.11 14.00
C LEU B 69 -22.29 24.67 14.08
N PHE B 70 -21.46 25.20 13.18
CA PHE B 70 -20.03 24.78 13.04
C PHE B 70 -19.27 25.08 14.36
N GLY B 71 -19.17 26.36 14.71
CA GLY B 71 -18.66 26.87 16.00
C GLY B 71 -19.26 26.17 17.20
N ASP B 72 -20.58 26.04 17.30
CA ASP B 72 -21.18 25.29 18.44
C ASP B 72 -20.54 23.91 18.51
N LYS B 73 -20.36 23.26 17.36
CA LYS B 73 -19.76 21.90 17.36
C LYS B 73 -18.33 21.99 17.84
N LEU B 74 -17.58 23.01 17.41
CA LEU B 74 -16.14 23.14 17.78
C LEU B 74 -16.03 23.22 19.29
N CYS B 75 -16.92 23.98 19.92
CA CYS B 75 -16.91 24.33 21.38
C CYS B 75 -17.27 23.13 22.26
N THR B 76 -17.82 22.06 21.68
CA THR B 76 -18.12 20.77 22.38
C THR B 76 -16.86 19.89 22.43
N VAL B 77 -15.80 20.23 21.69
CA VAL B 77 -14.53 19.44 21.70
C VAL B 77 -13.96 19.53 23.13
N ALA B 78 -13.85 18.39 23.81
CA ALA B 78 -13.48 18.27 25.24
C ALA B 78 -12.09 18.89 25.48
N THR B 79 -11.17 18.76 24.53
CA THR B 79 -9.74 19.09 24.78
C THR B 79 -9.37 20.43 24.13
N LEU B 80 -10.34 21.21 23.70
CA LEU B 80 -10.11 22.46 22.94
C LEU B 80 -9.01 23.30 23.62
N ARG B 81 -9.20 23.64 24.92
CA ARG B 81 -8.30 24.48 25.74
C ARG B 81 -6.96 23.77 25.90
N GLU B 82 -7.00 22.51 26.34
CA GLU B 82 -5.79 21.68 26.48
C GLU B 82 -4.99 21.76 25.17
N THR B 83 -5.60 21.41 24.03
CA THR B 83 -4.87 21.22 22.76
C THR B 83 -4.47 22.57 22.13
N TYR B 84 -5.39 23.54 22.07
CA TYR B 84 -5.31 24.74 21.20
C TYR B 84 -5.10 26.03 22.03
N GLY B 85 -5.08 25.97 23.37
CA GLY B 85 -4.89 27.16 24.21
C GLY B 85 -5.93 28.25 23.91
N GLU B 86 -5.49 29.41 23.42
CA GLU B 86 -6.32 30.64 23.36
C GLU B 86 -7.51 30.42 22.40
N MET B 87 -7.43 29.43 21.49
CA MET B 87 -8.55 29.11 20.54
C MET B 87 -9.82 28.78 21.34
N ALA B 88 -9.70 28.22 22.55
CA ALA B 88 -10.84 27.84 23.42
C ALA B 88 -11.64 29.08 23.82
N ASP B 89 -10.96 30.22 24.01
CA ASP B 89 -11.61 31.45 24.52
C ASP B 89 -12.45 32.09 23.42
N CYS B 90 -12.37 31.62 22.17
CA CYS B 90 -13.31 32.02 21.11
C CYS B 90 -14.74 31.57 21.47
N CYS B 91 -14.89 30.61 22.40
CA CYS B 91 -16.18 30.01 22.86
C CYS B 91 -16.85 30.83 23.96
N ALA B 92 -16.22 31.90 24.44
CA ALA B 92 -16.82 32.98 25.26
C ALA B 92 -17.55 33.99 24.37
N LYS B 93 -17.32 33.99 23.06
CA LYS B 93 -17.95 35.00 22.17
C LYS B 93 -19.30 34.43 21.69
N GLN B 94 -20.23 35.30 21.27
CA GLN B 94 -21.44 34.98 20.44
C GLN B 94 -21.02 35.25 19.00
N GLU B 95 -21.86 34.98 18.00
CA GLU B 95 -21.54 35.26 16.57
C GLU B 95 -21.77 36.75 16.30
N PRO B 96 -21.18 37.38 15.26
CA PRO B 96 -20.22 36.75 14.34
C PRO B 96 -18.75 36.77 14.81
N GLU B 97 -18.51 37.27 16.03
CA GLU B 97 -17.16 37.58 16.55
C GLU B 97 -16.42 36.25 16.81
N ARG B 98 -17.12 35.29 17.42
CA ARG B 98 -16.73 33.87 17.58
C ARG B 98 -16.18 33.30 16.26
N ASN B 99 -16.94 33.39 15.16
CA ASN B 99 -16.44 32.95 13.82
C ASN B 99 -15.14 33.68 13.51
N GLU B 100 -15.16 35.01 13.58
CA GLU B 100 -13.97 35.82 13.22
C GLU B 100 -12.80 35.34 14.07
N CYS B 101 -13.03 35.02 15.34
CA CYS B 101 -12.00 34.61 16.31
C CYS B 101 -11.43 33.23 15.94
N PHE B 102 -12.26 32.24 15.57
CA PHE B 102 -11.81 30.92 15.10
C PHE B 102 -10.88 31.02 13.85
N LEU B 103 -11.25 31.81 12.83
CA LEU B 103 -10.49 32.00 11.57
C LEU B 103 -9.09 32.50 11.90
N GLN B 104 -8.98 33.41 12.88
CA GLN B 104 -7.69 34.00 13.33
C GLN B 104 -6.79 32.88 13.89
N HIS B 105 -7.29 31.72 14.32
CA HIS B 105 -6.39 30.66 14.88
C HIS B 105 -6.21 29.51 13.87
N LYS B 106 -6.59 29.66 12.60
CA LYS B 106 -6.06 28.73 11.56
C LYS B 106 -4.54 28.94 11.45
N ASP B 107 -3.77 27.90 11.73
CA ASP B 107 -2.29 27.92 11.63
C ASP B 107 -1.95 27.48 10.20
N ASP B 108 -1.26 28.30 9.43
CA ASP B 108 -0.87 27.95 8.03
C ASP B 108 0.30 26.98 8.09
N ASN B 109 1.00 26.98 9.23
CA ASN B 109 2.26 26.23 9.52
C ASN B 109 2.04 25.38 10.77
N PRO B 110 1.25 24.26 10.71
CA PRO B 110 1.12 23.36 11.86
C PRO B 110 2.47 22.63 11.91
N ASN B 111 3.05 22.28 13.04
CA ASN B 111 4.27 21.46 12.81
C ASN B 111 3.80 20.03 12.94
N LEU B 112 3.48 19.47 11.78
CA LEU B 112 3.14 18.05 11.61
C LEU B 112 4.24 17.46 10.77
N PRO B 113 4.62 16.18 10.97
CA PRO B 113 5.70 15.59 10.19
C PRO B 113 5.21 15.48 8.76
N ARG B 114 6.14 15.43 7.79
CA ARG B 114 5.87 15.25 6.33
C ARG B 114 5.10 13.93 6.16
N LEU B 115 4.21 13.89 5.17
CA LEU B 115 3.48 12.67 4.77
C LEU B 115 4.42 11.91 3.87
N VAL B 116 4.77 10.72 4.30
CA VAL B 116 5.58 9.79 3.49
C VAL B 116 4.58 8.91 2.72
N ARG B 117 4.56 9.05 1.41
CA ARG B 117 3.81 8.12 0.54
C ARG B 117 4.29 6.70 0.85
N PRO B 118 3.44 5.76 1.33
CA PRO B 118 3.86 4.38 1.45
C PRO B 118 4.09 3.80 0.05
N GLU B 119 4.72 2.63 -0.01
CA GLU B 119 4.79 1.72 -1.18
C GLU B 119 3.41 1.51 -1.80
N PRO B 120 3.33 1.39 -3.14
CA PRO B 120 2.07 1.09 -3.81
C PRO B 120 1.35 -0.16 -3.27
N ASP B 121 2.09 -1.26 -3.02
CA ASP B 121 1.45 -2.54 -2.61
C ASP B 121 0.83 -2.33 -1.23
N VAL B 122 1.49 -1.56 -0.34
CA VAL B 122 0.89 -1.30 1.00
C VAL B 122 -0.36 -0.44 0.78
N MET B 123 -0.26 0.58 -0.08
CA MET B 123 -1.41 1.51 -0.36
C MET B 123 -2.57 0.72 -0.97
N CYS B 124 -2.31 -0.11 -1.97
CA CYS B 124 -3.41 -0.92 -2.62
C CYS B 124 -4.06 -1.93 -1.66
N THR B 125 -3.31 -2.53 -0.75
CA THR B 125 -3.90 -3.44 0.25
C THR B 125 -4.83 -2.67 1.20
N ALA B 126 -4.43 -1.47 1.64
CA ALA B 126 -5.20 -0.68 2.64
C ALA B 126 -6.47 -0.20 1.93
N PHE B 127 -6.30 0.28 0.70
CA PHE B 127 -7.40 0.68 -0.22
C PHE B 127 -8.40 -0.47 -0.40
N HIS B 128 -7.93 -1.71 -0.61
CA HIS B 128 -8.83 -2.90 -0.66
C HIS B 128 -9.44 -3.18 0.72
N ASP B 129 -8.64 -3.20 1.80
CA ASP B 129 -9.10 -3.62 3.15
C ASP B 129 -10.17 -2.64 3.66
N ASN B 130 -9.99 -1.34 3.52
CA ASN B 130 -11.06 -0.38 3.88
C ASN B 130 -10.90 0.88 3.04
N GLU B 131 -11.59 0.90 1.92
CA GLU B 131 -11.51 1.96 0.90
C GLU B 131 -11.91 3.29 1.57
N GLU B 132 -13.04 3.33 2.28
CA GLU B 132 -13.60 4.51 2.99
C GLU B 132 -12.52 5.13 3.90
N THR B 133 -12.07 4.41 4.92
CA THR B 133 -11.12 4.89 5.94
C THR B 133 -9.77 5.24 5.28
N PHE B 134 -9.37 4.54 4.22
CA PHE B 134 -8.05 4.78 3.59
C PHE B 134 -8.10 6.18 2.96
N LEU B 135 -9.18 6.46 2.23
CA LEU B 135 -9.36 7.74 1.49
C LEU B 135 -9.68 8.88 2.45
N LYS B 136 -10.49 8.67 3.50
CA LYS B 136 -10.85 9.76 4.46
C LYS B 136 -9.63 10.16 5.33
N LYS B 137 -8.82 9.18 5.71
CA LYS B 137 -7.64 9.37 6.59
C LYS B 137 -6.69 10.26 5.80
N TYR B 138 -6.47 9.92 4.53
CA TYR B 138 -5.54 10.69 3.67
C TYR B 138 -6.05 12.12 3.53
N LEU B 139 -7.33 12.27 3.35
CA LEU B 139 -7.98 13.57 3.18
C LEU B 139 -7.87 14.40 4.47
N TYR B 140 -8.11 13.77 5.58
CA TYR B 140 -7.84 14.34 6.93
C TYR B 140 -6.39 14.80 7.03
N GLU B 141 -5.48 13.92 6.61
CA GLU B 141 -4.04 14.22 6.73
C GLU B 141 -3.67 15.45 5.90
N ILE B 142 -4.25 15.61 4.73
CA ILE B 142 -3.94 16.76 3.83
C ILE B 142 -4.67 17.99 4.33
N ALA B 143 -5.97 17.87 4.67
CA ALA B 143 -6.74 19.06 5.10
C ALA B 143 -6.02 19.68 6.31
N ARG B 144 -5.58 18.85 7.28
CA ARG B 144 -5.02 19.37 8.55
C ARG B 144 -3.72 20.13 8.22
N ARG B 145 -3.00 19.70 7.17
CA ARG B 145 -1.72 20.33 6.75
C ARG B 145 -1.97 21.58 5.89
N HIS B 146 -3.13 21.69 5.20
CA HIS B 146 -3.44 22.77 4.21
C HIS B 146 -4.80 23.42 4.53
N PRO B 147 -4.90 24.09 5.69
CA PRO B 147 -6.14 24.58 6.27
C PRO B 147 -6.79 25.72 5.50
N TYR B 148 -6.05 26.33 4.55
CA TYR B 148 -6.55 27.35 3.61
C TYR B 148 -6.88 26.72 2.26
N PHE B 149 -6.59 25.43 2.05
CA PHE B 149 -6.85 24.81 0.72
C PHE B 149 -8.37 24.68 0.53
N TYR B 150 -8.95 25.22 -0.55
CA TYR B 150 -10.43 25.36 -0.69
C TYR B 150 -11.10 23.96 -0.64
N ALA B 151 -11.95 23.68 0.36
CA ALA B 151 -12.36 22.30 0.70
C ALA B 151 -12.93 21.59 -0.52
N PRO B 152 -13.83 22.20 -1.32
CA PRO B 152 -14.34 21.48 -2.48
C PRO B 152 -13.29 21.09 -3.54
N GLU B 153 -12.27 21.90 -3.75
CA GLU B 153 -11.19 21.53 -4.69
C GLU B 153 -10.34 20.40 -4.07
N LEU B 154 -10.12 20.41 -2.75
CA LEU B 154 -9.47 19.28 -2.06
C LEU B 154 -10.29 18.02 -2.34
N LEU B 155 -11.61 18.15 -2.34
CA LEU B 155 -12.52 17.01 -2.56
C LEU B 155 -12.42 16.60 -4.04
N TYR B 156 -12.28 17.54 -4.94
CA TYR B 156 -12.12 17.21 -6.38
C TYR B 156 -10.83 16.38 -6.55
N PHE B 157 -9.75 16.72 -5.84
CA PHE B 157 -8.47 15.96 -5.97
C PHE B 157 -8.68 14.58 -5.40
N ALA B 158 -9.43 14.49 -4.28
CA ALA B 158 -9.55 13.22 -3.54
C ALA B 158 -10.29 12.23 -4.46
N LYS B 159 -11.24 12.66 -5.26
CA LYS B 159 -11.95 11.73 -6.16
C LYS B 159 -11.04 11.31 -7.32
N ARG B 160 -10.11 12.14 -7.70
CA ARG B 160 -9.14 11.74 -8.74
C ARG B 160 -8.19 10.69 -8.15
N TYR B 161 -7.83 10.82 -6.86
CA TYR B 161 -6.90 9.90 -6.17
C TYR B 161 -7.60 8.57 -6.12
N LYS B 162 -8.89 8.59 -5.80
CA LYS B 162 -9.76 7.40 -5.64
C LYS B 162 -9.82 6.66 -6.97
N ALA B 163 -10.04 7.39 -8.07
CA ALA B 163 -10.04 6.82 -9.45
C ALA B 163 -8.67 6.17 -9.76
N ALA B 164 -7.56 6.76 -9.29
CA ALA B 164 -6.22 6.20 -9.61
C ALA B 164 -6.03 4.88 -8.86
N PHE B 165 -6.30 4.82 -7.57
CA PHE B 165 -6.25 3.54 -6.80
C PHE B 165 -7.13 2.45 -7.45
N THR B 166 -8.38 2.79 -7.73
CA THR B 166 -9.41 1.89 -8.32
C THR B 166 -8.80 1.21 -9.56
N GLU B 167 -8.24 2.00 -10.49
CA GLU B 167 -7.74 1.54 -11.81
C GLU B 167 -6.41 0.78 -11.68
N CYS B 168 -5.52 1.19 -10.75
CA CYS B 168 -4.10 0.74 -10.68
C CYS B 168 -3.91 -0.39 -9.66
N CYS B 169 -4.69 -0.43 -8.59
CA CYS B 169 -4.61 -1.51 -7.58
C CYS B 169 -5.04 -2.88 -8.18
N GLN B 170 -5.77 -2.82 -9.30
CA GLN B 170 -6.10 -3.93 -10.25
C GLN B 170 -4.81 -4.51 -10.85
N ALA B 171 -4.02 -3.66 -11.54
CA ALA B 171 -2.95 -4.02 -12.52
C ALA B 171 -1.84 -4.90 -11.92
N ALA B 172 -1.14 -5.63 -12.81
CA ALA B 172 0.04 -6.48 -12.52
C ALA B 172 1.10 -5.64 -11.80
N ASP B 173 1.43 -4.48 -12.39
CA ASP B 173 2.50 -3.55 -11.92
C ASP B 173 1.91 -2.27 -11.26
N LYS B 174 1.46 -2.40 -10.00
CA LYS B 174 0.77 -1.34 -9.20
C LYS B 174 1.62 -0.07 -9.22
N ALA B 175 2.86 -0.19 -8.74
CA ALA B 175 3.94 0.83 -8.80
C ALA B 175 3.94 1.58 -10.13
N ALA B 176 4.12 0.90 -11.25
CA ALA B 176 4.42 1.58 -12.52
C ALA B 176 3.11 2.08 -13.13
N CYS B 177 1.95 1.63 -12.61
CA CYS B 177 0.65 2.23 -12.97
C CYS B 177 0.42 3.50 -12.13
N LEU B 178 0.44 3.30 -10.82
CA LEU B 178 -0.04 4.21 -9.76
C LEU B 178 0.91 5.40 -9.57
N LEU B 179 2.23 5.19 -9.46
CA LEU B 179 3.18 6.26 -9.00
C LEU B 179 3.20 7.40 -10.03
N PRO B 180 3.13 7.16 -11.35
CA PRO B 180 2.97 8.23 -12.35
C PRO B 180 1.73 9.12 -12.15
N LYS B 181 0.58 8.52 -11.81
CA LYS B 181 -0.69 9.27 -11.61
C LYS B 181 -0.66 10.04 -10.28
N LEU B 182 -0.07 9.46 -9.24
CA LEU B 182 -0.05 10.15 -7.93
C LEU B 182 0.88 11.35 -8.03
N ASP B 183 2.07 11.17 -8.61
CA ASP B 183 3.03 12.28 -8.85
C ASP B 183 2.31 13.38 -9.65
N GLU B 184 1.52 13.04 -10.66
CA GLU B 184 0.80 14.04 -11.48
C GLU B 184 -0.23 14.78 -10.61
N LEU B 185 -0.98 14.04 -9.77
CA LEU B 185 -2.03 14.63 -8.92
C LEU B 185 -1.40 15.55 -7.88
N ARG B 186 -0.27 15.14 -7.33
CA ARG B 186 0.42 15.90 -6.28
C ARG B 186 0.94 17.20 -6.88
N GLU B 187 1.45 17.17 -8.11
CA GLU B 187 1.99 18.38 -8.80
C GLU B 187 0.80 19.32 -9.07
N GLU B 188 -0.29 18.79 -9.61
CA GLU B 188 -1.52 19.56 -9.93
C GLU B 188 -2.06 20.14 -8.63
N GLY B 189 -2.02 19.39 -7.55
CA GLY B 189 -2.60 19.83 -6.28
C GLY B 189 -1.75 20.95 -5.74
N LYS B 190 -0.45 20.78 -5.72
CA LYS B 190 0.46 21.84 -5.22
C LYS B 190 0.38 23.04 -6.18
N ALA B 191 0.20 22.81 -7.50
CA ALA B 191 0.06 23.91 -8.51
C ALA B 191 -1.20 24.72 -8.17
N SER B 192 -2.32 24.02 -7.93
CA SER B 192 -3.65 24.63 -7.64
C SER B 192 -3.57 25.42 -6.32
N SER B 193 -2.96 24.89 -5.28
CA SER B 193 -2.75 25.64 -4.00
C SER B 193 -1.84 26.86 -4.21
N ALA B 194 -0.79 26.74 -5.01
CA ALA B 194 0.17 27.85 -5.28
C ALA B 194 -0.49 28.96 -6.13
N LYS B 195 -1.39 28.64 -7.08
CA LYS B 195 -2.14 29.62 -7.92
C LYS B 195 -3.12 30.42 -7.04
N GLN B 196 -3.74 29.79 -6.04
CA GLN B 196 -4.59 30.49 -5.04
C GLN B 196 -3.73 31.42 -4.19
N ARG B 197 -2.57 30.98 -3.70
CA ARG B 197 -1.63 31.83 -2.91
C ARG B 197 -1.24 33.09 -3.71
N HIS B 198 -1.03 32.94 -5.02
CA HIS B 198 -0.53 33.98 -5.95
C HIS B 198 -1.62 35.06 -6.02
N LYS B 199 -2.87 34.64 -6.18
CA LYS B 199 -4.03 35.56 -6.24
C LYS B 199 -4.13 36.37 -4.95
N CYS B 200 -3.92 35.76 -3.77
CA CYS B 200 -4.07 36.42 -2.45
C CYS B 200 -2.90 37.41 -2.26
N ALA B 201 -1.71 37.07 -2.73
CA ALA B 201 -0.49 37.92 -2.76
C ALA B 201 -0.74 39.15 -3.65
N ILE B 202 -1.34 39.01 -4.84
CA ILE B 202 -1.73 40.20 -5.67
C ILE B 202 -2.62 41.08 -4.78
N LEU B 203 -3.69 40.49 -4.25
CA LEU B 203 -4.71 41.26 -3.46
C LEU B 203 -3.98 42.00 -2.32
N GLN B 204 -3.21 41.28 -1.52
CA GLN B 204 -2.59 41.76 -0.24
C GLN B 204 -1.41 42.70 -0.52
N LYS B 205 -0.47 42.31 -1.39
CA LYS B 205 0.80 43.07 -1.62
C LYS B 205 0.51 44.30 -2.49
N PHE B 206 -0.41 44.26 -3.47
CA PHE B 206 -0.61 45.36 -4.45
C PHE B 206 -2.01 45.98 -4.37
N GLY B 207 -3.00 45.31 -3.80
CA GLY B 207 -4.32 45.94 -3.56
C GLY B 207 -5.30 45.73 -4.71
N GLU B 208 -6.52 46.20 -4.48
CA GLU B 208 -7.75 45.91 -5.27
C GLU B 208 -7.62 46.36 -6.73
N ARG B 209 -7.12 47.55 -6.96
CA ARG B 209 -6.94 48.12 -8.31
C ARG B 209 -6.14 47.10 -9.13
N ALA B 210 -5.00 46.67 -8.58
CA ALA B 210 -4.03 45.81 -9.29
C ALA B 210 -4.72 44.48 -9.55
N PHE B 211 -5.53 44.04 -8.61
CA PHE B 211 -6.16 42.71 -8.72
C PHE B 211 -7.27 42.81 -9.74
N LYS B 212 -8.00 43.94 -9.73
CA LYS B 212 -9.08 44.19 -10.71
C LYS B 212 -8.49 44.23 -12.14
N ALA B 213 -7.35 44.87 -12.32
CA ALA B 213 -6.67 44.91 -13.63
C ALA B 213 -6.38 43.49 -14.10
N TRP B 214 -5.66 42.74 -13.29
CA TRP B 214 -5.43 41.29 -13.52
C TRP B 214 -6.70 40.55 -13.93
N ALA B 215 -7.77 40.67 -13.17
CA ALA B 215 -9.02 39.94 -13.44
C ALA B 215 -9.68 40.40 -14.76
N VAL B 216 -9.72 41.69 -15.05
CA VAL B 216 -10.23 42.20 -16.35
C VAL B 216 -9.42 41.58 -17.49
N ALA B 217 -8.11 41.69 -17.44
CA ALA B 217 -7.22 41.13 -18.45
C ALA B 217 -7.63 39.67 -18.67
N ARG B 218 -7.67 38.86 -17.59
CA ARG B 218 -7.82 37.38 -17.74
C ARG B 218 -9.25 37.06 -18.19
N LEU B 219 -10.24 37.70 -17.57
CA LEU B 219 -11.66 37.45 -17.97
C LEU B 219 -11.92 37.97 -19.39
N SER B 220 -11.25 39.01 -19.86
CA SER B 220 -11.43 39.44 -21.28
C SER B 220 -10.92 38.36 -22.25
N GLN B 221 -9.77 37.76 -21.96
CA GLN B 221 -9.23 36.73 -22.84
C GLN B 221 -10.17 35.52 -22.90
N ARG B 222 -10.75 35.13 -21.75
CA ARG B 222 -11.60 33.90 -21.56
C ARG B 222 -12.98 34.13 -22.16
N PHE B 223 -13.44 35.36 -22.09
CA PHE B 223 -14.86 35.68 -22.35
C PHE B 223 -14.92 36.85 -23.30
N PRO B 224 -14.21 36.78 -24.44
CA PRO B 224 -13.99 37.92 -25.33
C PRO B 224 -15.26 38.52 -26.00
N LYS B 225 -16.35 37.77 -26.01
CA LYS B 225 -17.67 38.15 -26.58
C LYS B 225 -18.41 39.00 -25.56
N ALA B 226 -17.91 39.10 -24.34
CA ALA B 226 -18.68 39.71 -23.26
C ALA B 226 -18.45 41.19 -23.42
N GLU B 227 -19.46 41.99 -23.06
CA GLU B 227 -19.34 43.47 -23.04
C GLU B 227 -18.45 43.86 -21.86
N PHE B 228 -17.76 44.98 -22.00
CA PHE B 228 -16.93 45.58 -20.92
C PHE B 228 -17.76 45.62 -19.64
N ALA B 229 -19.04 46.03 -19.69
CA ALA B 229 -19.84 46.17 -18.45
C ALA B 229 -20.11 44.78 -17.86
N GLU B 230 -20.18 43.75 -18.70
CA GLU B 230 -20.36 42.34 -18.23
C GLU B 230 -19.06 41.83 -17.56
N VAL B 231 -17.90 42.15 -18.14
CA VAL B 231 -16.55 41.76 -17.63
C VAL B 231 -16.30 42.49 -16.29
N SER B 232 -16.56 43.81 -16.25
CA SER B 232 -16.46 44.71 -15.07
C SER B 232 -17.28 44.16 -13.89
N LYS B 233 -18.48 43.65 -14.17
CA LYS B 233 -19.39 43.09 -13.15
C LYS B 233 -18.79 41.81 -12.58
N LEU B 234 -18.35 40.89 -13.46
CA LEU B 234 -17.77 39.57 -13.06
C LEU B 234 -16.53 39.81 -12.22
N VAL B 235 -15.81 40.88 -12.53
CA VAL B 235 -14.55 41.25 -11.83
C VAL B 235 -14.87 41.75 -10.40
N THR B 236 -15.89 42.60 -10.22
CA THR B 236 -16.37 42.96 -8.86
C THR B 236 -16.66 41.69 -8.06
N ASP B 237 -17.55 40.82 -8.53
CA ASP B 237 -17.97 39.68 -7.67
C ASP B 237 -16.75 38.76 -7.44
N LEU B 238 -15.87 38.63 -8.45
CA LEU B 238 -14.64 37.78 -8.37
C LEU B 238 -13.71 38.32 -7.27
N THR B 239 -13.53 39.63 -7.22
CA THR B 239 -12.78 40.34 -6.15
C THR B 239 -13.33 39.96 -4.76
N LYS B 240 -14.65 39.80 -4.60
CA LYS B 240 -15.28 39.44 -3.29
C LYS B 240 -14.97 37.98 -2.95
N VAL B 241 -15.14 37.11 -3.94
CA VAL B 241 -14.85 35.67 -3.73
C VAL B 241 -13.44 35.49 -3.19
N HIS B 242 -12.48 36.24 -3.77
CA HIS B 242 -11.02 36.00 -3.53
C HIS B 242 -10.60 36.60 -2.17
N THR B 243 -11.22 37.69 -1.75
CA THR B 243 -11.10 38.23 -0.36
C THR B 243 -11.44 37.14 0.64
N GLU B 244 -12.60 36.51 0.46
CA GLU B 244 -13.16 35.51 1.40
C GLU B 244 -12.31 34.25 1.28
N CYS B 245 -11.97 33.87 0.06
CA CYS B 245 -11.18 32.63 -0.15
C CYS B 245 -9.77 32.88 0.42
N CYS B 246 -9.35 34.15 0.52
CA CYS B 246 -8.00 34.53 1.05
C CYS B 246 -8.00 34.60 2.60
N HIS B 247 -9.07 35.06 3.26
CA HIS B 247 -9.28 35.05 4.75
C HIS B 247 -9.47 33.62 5.29
N GLY B 248 -9.81 32.66 4.42
CA GLY B 248 -9.92 31.22 4.75
C GLY B 248 -11.27 30.84 5.37
N ASP B 249 -12.29 31.72 5.22
CA ASP B 249 -13.72 31.58 5.66
C ASP B 249 -14.50 30.78 4.63
N LEU B 250 -14.48 29.46 4.75
CA LEU B 250 -14.94 28.49 3.73
C LEU B 250 -16.41 28.72 3.37
N LEU B 251 -17.26 28.98 4.36
CA LEU B 251 -18.72 29.06 4.10
C LEU B 251 -19.03 30.36 3.36
N GLU B 252 -18.41 31.49 3.71
CA GLU B 252 -18.65 32.77 3.01
C GLU B 252 -18.09 32.68 1.59
N CYS B 253 -16.86 32.14 1.46
CA CYS B 253 -16.14 31.94 0.17
C CYS B 253 -17.09 31.14 -0.72
N ALA B 254 -17.58 30.01 -0.19
CA ALA B 254 -18.43 29.03 -0.93
C ALA B 254 -19.72 29.73 -1.37
N ASP B 255 -20.40 30.43 -0.46
CA ASP B 255 -21.66 31.16 -0.81
C ASP B 255 -21.36 32.10 -1.98
N ASP B 256 -20.26 32.86 -1.91
CA ASP B 256 -19.96 33.86 -2.98
C ASP B 256 -19.66 33.17 -4.31
N ARG B 257 -18.96 32.04 -4.28
CA ARG B 257 -18.61 31.32 -5.53
C ARG B 257 -19.87 30.70 -6.10
N ALA B 258 -20.75 30.16 -5.26
CA ALA B 258 -22.00 29.57 -5.78
C ALA B 258 -22.87 30.67 -6.41
N ASP B 259 -22.97 31.85 -5.80
CA ASP B 259 -23.80 32.96 -6.37
C ASP B 259 -23.20 33.45 -7.69
N LEU B 260 -21.87 33.46 -7.87
CA LEU B 260 -21.22 33.90 -9.15
C LEU B 260 -21.40 32.85 -10.25
N ALA B 261 -21.24 31.57 -9.94
CA ALA B 261 -21.54 30.45 -10.85
C ALA B 261 -22.98 30.55 -11.35
N LYS B 262 -23.94 30.72 -10.42
CA LYS B 262 -25.37 30.85 -10.75
C LYS B 262 -25.48 32.00 -11.76
N TYR B 263 -24.94 33.17 -11.40
CA TYR B 263 -25.05 34.39 -12.24
C TYR B 263 -24.52 34.10 -13.66
N ILE B 264 -23.39 33.39 -13.78
CA ILE B 264 -22.67 33.17 -15.08
C ILE B 264 -23.52 32.20 -15.92
N CYS B 265 -24.04 31.17 -15.27
CA CYS B 265 -24.88 30.13 -15.91
C CYS B 265 -26.23 30.69 -16.39
N GLU B 266 -26.84 31.63 -15.63
CA GLU B 266 -28.07 32.39 -16.02
C GLU B 266 -27.82 33.23 -17.28
N ASN B 267 -26.56 33.63 -17.57
CA ASN B 267 -26.26 34.74 -18.52
C ASN B 267 -25.22 34.30 -19.54
N GLN B 268 -25.06 33.00 -19.76
CA GLN B 268 -24.10 32.41 -20.74
C GLN B 268 -24.11 33.19 -22.06
N ASP B 269 -25.30 33.54 -22.56
CA ASP B 269 -25.52 34.31 -23.82
C ASP B 269 -24.70 35.61 -23.83
N SER B 270 -24.54 36.29 -22.69
CA SER B 270 -23.80 37.58 -22.61
C SER B 270 -22.32 37.32 -22.26
N ILE B 271 -21.94 36.08 -22.03
CA ILE B 271 -20.58 35.77 -21.48
C ILE B 271 -19.78 34.82 -22.41
N SER B 272 -20.22 33.60 -22.64
CA SER B 272 -19.37 32.59 -23.33
C SER B 272 -20.23 31.48 -23.90
N SER B 273 -19.87 31.01 -25.10
CA SER B 273 -20.45 29.80 -25.75
C SER B 273 -19.89 28.55 -25.09
N LYS B 274 -18.88 28.65 -24.22
CA LYS B 274 -18.11 27.48 -23.75
C LYS B 274 -18.60 27.00 -22.39
N LEU B 275 -19.74 27.50 -21.91
CA LEU B 275 -20.22 27.25 -20.52
C LEU B 275 -21.33 26.20 -20.51
N LYS B 276 -21.81 25.74 -21.68
CA LYS B 276 -22.97 24.81 -21.78
C LYS B 276 -22.80 23.71 -20.73
N GLU B 277 -21.76 22.87 -20.92
CA GLU B 277 -21.41 21.64 -20.15
C GLU B 277 -21.22 21.96 -18.65
N CYS B 278 -20.42 22.99 -18.34
CA CYS B 278 -20.14 23.48 -16.97
C CYS B 278 -21.45 23.75 -16.22
N CYS B 279 -22.39 24.41 -16.88
CA CYS B 279 -23.64 24.96 -16.28
C CYS B 279 -24.70 23.85 -16.09
N GLU B 280 -24.44 22.62 -16.56
CA GLU B 280 -25.23 21.39 -16.23
C GLU B 280 -24.65 20.63 -15.04
N LYS B 281 -23.37 20.81 -14.69
CA LYS B 281 -22.73 20.06 -13.59
C LYS B 281 -23.43 20.43 -12.27
N PRO B 282 -23.47 19.52 -11.25
CA PRO B 282 -24.06 19.87 -9.95
C PRO B 282 -23.34 21.04 -9.25
N LEU B 283 -24.03 21.72 -8.32
CA LEU B 283 -23.58 22.97 -7.62
C LEU B 283 -22.08 22.90 -7.26
N LEU B 284 -21.71 21.80 -6.63
CA LEU B 284 -20.36 21.55 -6.06
C LEU B 284 -19.27 21.78 -7.11
N GLU B 285 -19.40 21.09 -8.26
CA GLU B 285 -18.46 20.96 -9.41
C GLU B 285 -18.67 22.08 -10.48
N LYS B 286 -19.54 23.09 -10.24
CA LYS B 286 -20.00 24.05 -11.29
C LYS B 286 -19.00 25.19 -11.41
N SER B 287 -18.86 25.96 -10.32
CA SER B 287 -17.83 26.99 -9.99
C SER B 287 -16.44 26.56 -10.46
N HIS B 288 -16.06 25.31 -10.20
CA HIS B 288 -14.74 24.73 -10.55
C HIS B 288 -14.66 24.51 -12.06
N CYS B 289 -15.71 23.98 -12.70
CA CYS B 289 -15.79 23.77 -14.17
C CYS B 289 -15.61 25.15 -14.84
N ILE B 290 -16.34 26.17 -14.38
CA ILE B 290 -16.28 27.55 -14.95
C ILE B 290 -14.86 28.14 -14.85
N ALA B 291 -14.22 27.97 -13.70
CA ALA B 291 -12.89 28.55 -13.42
C ALA B 291 -11.88 27.88 -14.38
N GLU B 292 -12.12 26.63 -14.80
CA GLU B 292 -11.25 25.86 -15.74
C GLU B 292 -11.66 26.03 -17.23
N VAL B 293 -12.75 26.72 -17.60
CA VAL B 293 -13.25 26.74 -19.02
C VAL B 293 -12.15 27.25 -19.96
N GLU B 294 -12.16 26.77 -21.19
CA GLU B 294 -11.30 27.21 -22.29
C GLU B 294 -11.77 28.63 -22.62
N ASN B 295 -10.87 29.43 -23.16
CA ASN B 295 -11.15 30.71 -23.84
C ASN B 295 -12.22 30.55 -24.90
N ASP B 296 -13.10 31.53 -25.00
CA ASP B 296 -14.10 31.55 -26.10
C ASP B 296 -13.43 32.14 -27.34
N GLU B 297 -13.93 31.86 -28.55
CA GLU B 297 -13.37 32.47 -29.79
C GLU B 297 -13.83 33.92 -29.76
N MET B 298 -12.99 34.86 -30.17
CA MET B 298 -13.27 36.32 -30.16
C MET B 298 -14.21 36.64 -31.31
N PRO B 299 -15.05 37.69 -31.19
CA PRO B 299 -15.79 38.18 -32.36
C PRO B 299 -14.85 38.19 -33.57
N ALA B 300 -15.36 37.71 -34.69
CA ALA B 300 -14.65 37.69 -35.99
C ALA B 300 -14.31 39.12 -36.44
N ASP B 301 -15.21 40.08 -36.23
CA ASP B 301 -15.18 41.35 -37.03
C ASP B 301 -14.64 42.50 -36.16
N LEU B 302 -13.60 42.26 -35.34
CA LEU B 302 -13.05 43.28 -34.41
C LEU B 302 -12.11 44.26 -35.13
N PRO B 303 -12.38 45.56 -35.03
CA PRO B 303 -11.50 46.57 -35.61
C PRO B 303 -10.14 46.70 -34.94
N SER B 304 -9.25 47.51 -35.50
CA SER B 304 -8.05 48.05 -34.80
C SER B 304 -8.46 48.61 -33.44
N LEU B 305 -7.55 48.58 -32.48
CA LEU B 305 -7.68 49.26 -31.16
C LEU B 305 -7.21 50.70 -31.35
N ALA B 306 -6.44 50.95 -32.43
CA ALA B 306 -5.84 52.25 -32.77
C ALA B 306 -6.95 53.30 -32.89
N ALA B 307 -8.09 52.98 -33.50
CA ALA B 307 -9.20 53.97 -33.73
C ALA B 307 -9.64 54.62 -32.41
N ASP B 308 -10.02 53.81 -31.43
CA ASP B 308 -10.55 54.27 -30.11
C ASP B 308 -9.42 54.84 -29.24
N PHE B 309 -8.23 54.28 -29.27
CA PHE B 309 -7.28 54.49 -28.15
C PHE B 309 -6.13 55.42 -28.55
N ILE B 310 -5.92 55.66 -29.85
CA ILE B 310 -4.70 56.32 -30.36
C ILE B 310 -5.08 57.45 -31.31
N GLU B 311 -5.95 57.16 -32.30
CA GLU B 311 -6.28 58.04 -33.45
C GLU B 311 -7.46 58.94 -33.11
N SER B 312 -8.33 58.57 -32.18
CA SER B 312 -9.50 59.39 -31.79
C SER B 312 -9.04 60.76 -31.28
N LYS B 313 -9.78 61.82 -31.60
CA LYS B 313 -9.42 63.20 -31.18
C LYS B 313 -9.75 63.31 -29.67
N ASP B 314 -10.62 62.44 -29.14
CA ASP B 314 -11.21 62.53 -27.78
C ASP B 314 -10.50 61.59 -26.81
N VAL B 315 -9.32 61.08 -27.17
CA VAL B 315 -8.66 60.11 -26.27
C VAL B 315 -8.53 60.73 -24.88
N CYS B 316 -8.08 61.98 -24.80
CA CYS B 316 -7.75 62.63 -23.50
C CYS B 316 -9.06 62.97 -22.77
N LYS B 317 -10.07 63.39 -23.50
CA LYS B 317 -11.42 63.71 -22.94
C LYS B 317 -12.08 62.42 -22.36
N ASN B 318 -12.00 61.29 -23.08
CA ASN B 318 -12.60 59.99 -22.67
C ASN B 318 -11.82 59.49 -21.46
N TYR B 319 -10.50 59.59 -21.49
CA TYR B 319 -9.59 59.21 -20.38
C TYR B 319 -9.86 60.09 -19.15
N ALA B 320 -9.78 61.42 -19.28
CA ALA B 320 -9.77 62.34 -18.11
C ALA B 320 -11.14 62.25 -17.37
N GLU B 321 -12.22 61.77 -18.02
CA GLU B 321 -13.57 61.70 -17.35
C GLU B 321 -13.63 60.58 -16.30
N ALA B 322 -12.87 59.50 -16.50
CA ALA B 322 -12.84 58.31 -15.59
C ALA B 322 -11.67 57.42 -16.03
N LYS B 323 -10.50 57.68 -15.45
CA LYS B 323 -9.17 57.22 -15.93
C LYS B 323 -9.13 55.69 -15.81
N ASP B 324 -9.51 55.12 -14.67
CA ASP B 324 -9.47 53.66 -14.47
C ASP B 324 -10.51 53.03 -15.40
N VAL B 325 -11.64 53.67 -15.64
CA VAL B 325 -12.67 53.03 -16.51
C VAL B 325 -12.11 52.94 -17.95
N PHE B 326 -11.40 53.96 -18.39
CA PHE B 326 -10.87 54.06 -19.77
C PHE B 326 -9.68 53.10 -19.89
N LEU B 327 -8.77 53.05 -18.93
CA LEU B 327 -7.65 52.09 -18.89
C LEU B 327 -8.22 50.66 -18.87
N GLY B 328 -9.30 50.40 -18.13
CA GLY B 328 -9.87 49.05 -18.04
C GLY B 328 -10.53 48.67 -19.37
N MET B 329 -11.05 49.66 -20.09
CA MET B 329 -11.62 49.45 -21.44
C MET B 329 -10.49 49.14 -22.39
N PHE B 330 -9.40 49.89 -22.35
CA PHE B 330 -8.18 49.60 -23.15
C PHE B 330 -7.70 48.17 -22.90
N LEU B 331 -7.62 47.77 -21.63
CA LEU B 331 -7.11 46.43 -21.18
C LEU B 331 -8.04 45.34 -21.71
N TYR B 332 -9.37 45.52 -21.57
CA TYR B 332 -10.43 44.60 -22.08
C TYR B 332 -10.28 44.42 -23.60
N GLU B 333 -10.13 45.54 -24.29
CA GLU B 333 -10.07 45.56 -25.77
C GLU B 333 -8.79 44.86 -26.17
N TYR B 334 -7.68 45.17 -25.50
CA TYR B 334 -6.39 44.52 -25.86
C TYR B 334 -6.48 43.05 -25.52
N ALA B 335 -6.97 42.70 -24.30
CA ALA B 335 -6.95 41.32 -23.80
C ALA B 335 -7.86 40.43 -24.65
N ARG B 336 -9.04 40.89 -25.01
CA ARG B 336 -9.99 40.00 -25.71
C ARG B 336 -9.45 39.69 -27.12
N ARG B 337 -8.62 40.56 -27.70
CA ARG B 337 -7.90 40.29 -28.98
C ARG B 337 -6.65 39.39 -28.81
N HIS B 338 -6.12 39.25 -27.58
CA HIS B 338 -4.75 38.69 -27.36
C HIS B 338 -4.77 37.62 -26.30
N PRO B 339 -5.51 36.51 -26.56
CA PRO B 339 -5.45 35.34 -25.68
C PRO B 339 -4.05 34.72 -25.73
N ASP B 340 -3.15 35.23 -26.58
CA ASP B 340 -1.80 34.65 -26.78
C ASP B 340 -0.81 35.23 -25.76
N TYR B 341 -1.21 36.29 -25.05
CA TYR B 341 -0.30 37.10 -24.20
C TYR B 341 -0.50 36.60 -22.79
N SER B 342 0.59 36.68 -22.01
CA SER B 342 0.52 36.61 -20.53
C SER B 342 -0.43 37.72 -20.09
N VAL B 343 -1.06 37.51 -18.94
CA VAL B 343 -1.86 38.59 -18.33
C VAL B 343 -0.89 39.70 -18.04
N VAL B 344 0.26 39.33 -17.55
CA VAL B 344 1.21 40.32 -17.00
C VAL B 344 1.70 41.19 -18.20
N LEU B 345 1.85 40.61 -19.38
CA LEU B 345 2.29 41.45 -20.54
C LEU B 345 1.18 42.47 -20.82
N LEU B 346 -0.08 42.04 -20.84
CA LEU B 346 -1.24 42.96 -21.03
C LEU B 346 -1.23 44.07 -19.98
N LEU B 347 -0.91 43.79 -18.72
CA LEU B 347 -0.87 44.82 -17.66
C LEU B 347 0.28 45.77 -17.98
N ARG B 348 1.43 45.26 -18.47
CA ARG B 348 2.59 46.11 -18.83
C ARG B 348 2.20 47.10 -19.93
N LEU B 349 1.49 46.64 -20.96
CA LEU B 349 0.97 47.49 -22.06
C LEU B 349 0.00 48.56 -21.51
N ALA B 350 -0.97 48.14 -20.67
CA ALA B 350 -1.95 49.05 -20.01
C ALA B 350 -1.20 50.13 -19.22
N LYS B 351 -0.16 49.73 -18.50
CA LYS B 351 0.70 50.62 -17.67
C LYS B 351 1.45 51.61 -18.59
N THR B 352 2.03 51.14 -19.71
CA THR B 352 2.74 52.04 -20.66
C THR B 352 1.71 53.05 -21.17
N TYR B 353 0.54 52.56 -21.58
CA TYR B 353 -0.55 53.43 -22.10
C TYR B 353 -0.94 54.50 -21.07
N GLU B 354 -1.22 54.13 -19.81
CA GLU B 354 -1.47 55.11 -18.71
C GLU B 354 -0.31 56.11 -18.59
N THR B 355 0.94 55.65 -18.48
CA THR B 355 2.10 56.58 -18.46
C THR B 355 2.05 57.50 -19.69
N THR B 356 1.66 56.98 -20.85
CA THR B 356 1.67 57.78 -22.12
C THR B 356 0.57 58.84 -22.05
N LEU B 357 -0.64 58.46 -21.65
CA LEU B 357 -1.78 59.42 -21.50
C LEU B 357 -1.46 60.44 -20.40
N GLU B 358 -0.84 60.06 -19.27
CA GLU B 358 -0.51 61.05 -18.19
C GLU B 358 0.44 62.14 -18.73
N LYS B 359 1.50 61.72 -19.44
CA LYS B 359 2.44 62.65 -20.11
C LYS B 359 1.70 63.42 -21.21
N CYS B 360 1.05 62.72 -22.14
CA CYS B 360 0.62 63.26 -23.46
C CYS B 360 -0.61 64.17 -23.32
N CYS B 361 -1.51 63.91 -22.38
CA CYS B 361 -2.73 64.77 -22.20
C CYS B 361 -2.31 66.14 -21.62
N ALA B 362 -1.13 66.25 -21.00
CA ALA B 362 -0.57 67.50 -20.42
C ALA B 362 0.32 68.23 -21.45
N ALA B 363 0.53 67.66 -22.63
CA ALA B 363 1.59 68.10 -23.57
C ALA B 363 1.01 69.16 -24.50
N ALA B 364 1.86 69.80 -25.30
CA ALA B 364 1.48 70.92 -26.18
C ALA B 364 0.52 70.42 -27.26
N ASP B 365 0.79 69.22 -27.76
CA ASP B 365 0.02 68.55 -28.84
C ASP B 365 -0.27 67.11 -28.42
N PRO B 366 -1.30 66.85 -27.59
CA PRO B 366 -1.58 65.49 -27.11
C PRO B 366 -1.64 64.42 -28.20
N HIS B 367 -2.46 64.64 -29.22
CA HIS B 367 -2.74 63.63 -30.29
C HIS B 367 -1.42 63.21 -30.94
N GLU B 368 -0.57 64.18 -31.24
CA GLU B 368 0.77 63.89 -31.82
C GLU B 368 1.60 63.11 -30.80
N CYS B 369 1.51 63.49 -29.52
CA CYS B 369 2.34 62.90 -28.43
C CYS B 369 2.00 61.43 -28.34
N TYR B 370 0.71 61.06 -28.28
CA TYR B 370 0.33 59.66 -27.95
C TYR B 370 0.24 58.86 -29.25
N SER B 371 0.57 59.45 -30.40
CA SER B 371 0.31 58.77 -31.68
C SER B 371 1.31 57.63 -31.95
N LYS B 372 2.51 57.68 -31.35
CA LYS B 372 3.53 56.63 -31.50
C LYS B 372 3.45 55.61 -30.35
N VAL B 373 2.33 55.47 -29.62
CA VAL B 373 2.38 54.67 -28.36
C VAL B 373 2.55 53.18 -28.67
N PHE B 374 1.91 52.66 -29.72
CA PHE B 374 2.04 51.23 -30.06
C PHE B 374 3.52 50.87 -30.28
N ASP B 375 4.36 51.79 -30.78
CA ASP B 375 5.80 51.47 -30.94
C ASP B 375 6.35 51.09 -29.58
N GLU B 376 5.87 51.75 -28.52
CA GLU B 376 6.36 51.45 -27.17
C GLU B 376 5.81 50.09 -26.75
N PHE B 377 4.71 49.60 -27.36
CA PHE B 377 4.17 48.24 -27.07
C PHE B 377 5.10 47.18 -27.66
N LYS B 378 5.60 47.38 -28.87
CA LYS B 378 6.40 46.38 -29.65
C LYS B 378 7.51 45.75 -28.82
N PRO B 379 8.45 46.46 -28.18
CA PRO B 379 9.53 45.79 -27.46
C PRO B 379 9.02 44.96 -26.26
N LEU B 380 7.94 45.41 -25.64
CA LEU B 380 7.37 44.73 -24.43
C LEU B 380 6.82 43.36 -24.83
N ILE B 381 6.07 43.28 -25.92
CA ILE B 381 5.50 42.05 -26.53
C ILE B 381 6.63 41.13 -26.93
N GLU B 382 7.66 41.68 -27.60
CA GLU B 382 8.75 40.88 -28.24
C GLU B 382 9.61 40.16 -27.20
N GLU B 383 9.82 40.78 -26.03
CA GLU B 383 10.76 40.41 -24.96
C GLU B 383 10.35 39.05 -24.38
N PRO B 384 9.12 38.81 -23.86
CA PRO B 384 8.74 37.45 -23.45
C PRO B 384 8.68 36.49 -24.64
N GLN B 385 8.18 36.91 -25.82
CA GLN B 385 8.11 36.00 -27.01
C GLN B 385 9.53 35.57 -27.36
N ASN B 386 10.52 36.46 -27.34
CA ASN B 386 11.91 36.09 -27.76
C ASN B 386 12.51 35.15 -26.71
N LEU B 387 12.32 35.43 -25.42
CA LEU B 387 12.84 34.62 -24.32
C LEU B 387 12.24 33.21 -24.41
N ILE B 388 10.92 33.11 -24.67
CA ILE B 388 10.24 31.78 -24.80
C ILE B 388 10.78 31.02 -26.00
N LYS B 389 11.00 31.70 -27.12
CA LYS B 389 11.50 31.03 -28.32
C LYS B 389 12.88 30.42 -28.02
N GLN B 390 13.79 31.21 -27.46
CA GLN B 390 15.21 30.81 -27.21
C GLN B 390 15.25 29.69 -26.16
N ASN B 391 14.46 29.80 -25.09
CA ASN B 391 14.43 28.77 -24.03
C ASN B 391 13.81 27.48 -24.62
N CYS B 392 12.71 27.52 -25.37
CA CYS B 392 12.10 26.29 -25.94
C CYS B 392 12.99 25.69 -27.04
N GLU B 393 13.80 26.49 -27.74
CA GLU B 393 14.78 25.94 -28.72
C GLU B 393 15.91 25.21 -27.98
N LEU B 394 16.39 25.75 -26.85
CA LEU B 394 17.42 25.07 -26.03
C LEU B 394 16.80 23.78 -25.50
N PHE B 395 15.56 23.88 -25.04
CA PHE B 395 14.88 22.71 -24.44
C PHE B 395 14.72 21.57 -25.48
N GLU B 396 14.35 21.87 -26.72
CA GLU B 396 14.27 20.87 -27.82
C GLU B 396 15.64 20.23 -28.16
N GLN B 397 16.78 20.96 -28.14
CA GLN B 397 18.12 20.37 -28.47
C GLN B 397 18.60 19.40 -27.39
N LEU B 398 18.46 19.81 -26.13
CA LEU B 398 18.90 19.09 -24.91
C LEU B 398 17.70 18.22 -24.55
N GLY B 399 17.75 17.27 -23.66
CA GLY B 399 16.40 16.91 -23.14
C GLY B 399 16.00 17.84 -22.00
N GLU B 400 14.98 17.47 -21.24
CA GLU B 400 14.57 18.07 -19.95
C GLU B 400 15.76 18.08 -18.98
N TYR B 401 16.34 16.92 -18.66
CA TYR B 401 17.40 16.84 -17.63
C TYR B 401 18.62 17.68 -18.05
N LYS B 402 19.10 17.61 -19.29
CA LYS B 402 20.25 18.42 -19.76
C LYS B 402 19.86 19.89 -19.88
N PHE B 403 18.58 20.20 -20.09
CA PHE B 403 18.07 21.60 -20.09
C PHE B 403 18.20 22.11 -18.65
N GLN B 404 17.77 21.30 -17.70
CA GLN B 404 17.88 21.63 -16.27
C GLN B 404 19.36 21.91 -15.95
N ASN B 405 20.27 21.13 -16.50
CA ASN B 405 21.71 21.36 -16.22
C ASN B 405 22.16 22.71 -16.81
N ALA B 406 21.73 23.04 -18.01
CA ALA B 406 22.10 24.30 -18.68
C ALA B 406 21.63 25.47 -17.79
N LEU B 407 20.41 25.36 -17.24
CA LEU B 407 19.82 26.36 -16.34
C LEU B 407 20.56 26.38 -15.01
N LEU B 408 21.04 25.22 -14.52
CA LEU B 408 21.85 25.20 -13.28
C LEU B 408 23.07 26.08 -13.46
N ILE B 409 23.79 25.89 -14.55
CA ILE B 409 25.03 26.65 -14.82
C ILE B 409 24.62 28.13 -14.94
N ARG B 410 23.58 28.45 -15.74
CA ARG B 410 23.16 29.85 -16.01
C ARG B 410 22.91 30.55 -14.67
N TYR B 411 22.07 29.96 -13.82
CA TYR B 411 21.55 30.62 -12.60
C TYR B 411 22.57 30.56 -11.44
N THR B 412 23.34 29.47 -11.27
CA THR B 412 24.41 29.47 -10.26
C THR B 412 25.38 30.63 -10.52
N LYS B 413 25.72 30.88 -11.78
CA LYS B 413 26.67 31.98 -12.15
C LYS B 413 26.07 33.34 -11.79
N LYS B 414 24.77 33.47 -11.83
CA LYS B 414 24.13 34.79 -11.60
C LYS B 414 23.95 35.02 -10.11
N VAL B 415 23.45 34.02 -9.42
CA VAL B 415 23.25 34.09 -7.96
C VAL B 415 23.86 32.86 -7.29
N PRO B 416 25.21 32.80 -7.24
CA PRO B 416 25.92 31.66 -6.68
C PRO B 416 25.85 31.66 -5.15
N GLN B 417 25.32 32.72 -4.52
CA GLN B 417 25.13 32.80 -3.05
C GLN B 417 23.91 31.98 -2.64
N VAL B 418 23.08 31.59 -3.59
CA VAL B 418 21.92 30.70 -3.25
C VAL B 418 22.46 29.34 -2.77
N SER B 419 21.81 28.71 -1.79
CA SER B 419 22.22 27.37 -1.30
C SER B 419 22.05 26.39 -2.47
N THR B 420 22.95 25.41 -2.58
CA THR B 420 22.93 24.33 -3.60
C THR B 420 21.58 23.65 -3.69
N PRO B 421 20.92 23.21 -2.60
CA PRO B 421 19.60 22.56 -2.73
C PRO B 421 18.52 23.41 -3.42
N THR B 422 18.50 24.72 -3.12
CA THR B 422 17.54 25.68 -3.74
C THR B 422 17.85 25.83 -5.23
N LEU B 423 19.10 26.00 -5.62
CA LEU B 423 19.48 26.14 -7.05
C LEU B 423 19.02 24.89 -7.78
N VAL B 424 19.18 23.71 -7.18
CA VAL B 424 18.85 22.42 -7.86
C VAL B 424 17.33 22.36 -8.01
N GLU B 425 16.61 22.52 -6.92
CA GLU B 425 15.13 22.56 -6.94
C GLU B 425 14.66 23.65 -7.93
N VAL B 426 15.21 24.88 -7.97
CA VAL B 426 14.62 25.95 -8.87
C VAL B 426 14.84 25.55 -10.33
N ALA B 427 16.06 25.13 -10.68
CA ALA B 427 16.40 24.63 -12.04
C ALA B 427 15.53 23.45 -12.44
N ARG B 428 15.37 22.46 -11.59
CA ARG B 428 14.51 21.30 -11.92
C ARG B 428 13.08 21.79 -12.26
N ASN B 429 12.44 22.59 -11.41
CA ASN B 429 11.07 23.17 -11.62
C ASN B 429 10.99 24.00 -12.91
N LEU B 430 11.99 24.84 -13.17
CA LEU B 430 12.04 25.63 -14.45
C LEU B 430 12.11 24.63 -15.59
N GLY B 431 12.86 23.54 -15.43
CA GLY B 431 12.98 22.48 -16.43
C GLY B 431 11.64 21.88 -16.79
N LYS B 432 10.78 21.72 -15.77
CA LYS B 432 9.44 21.07 -15.91
C LYS B 432 8.43 22.07 -16.50
N VAL B 433 8.67 23.37 -16.35
CA VAL B 433 7.93 24.43 -17.09
C VAL B 433 8.20 24.30 -18.59
N GLY B 434 9.46 24.12 -19.02
CA GLY B 434 9.83 23.96 -20.44
C GLY B 434 9.20 22.72 -21.06
N SER B 435 9.24 21.61 -20.35
CA SER B 435 8.59 20.36 -20.77
C SER B 435 7.10 20.62 -21.08
N LYS B 436 6.38 21.26 -20.16
CA LYS B 436 4.92 21.53 -20.24
C LYS B 436 4.72 22.48 -21.42
N CYS B 437 5.15 23.72 -21.27
CA CYS B 437 4.80 24.85 -22.17
C CYS B 437 5.47 24.73 -23.52
N CYS B 438 6.65 24.13 -23.63
CA CYS B 438 7.31 24.06 -24.95
C CYS B 438 6.52 23.11 -25.90
N LYS B 439 5.57 22.31 -25.41
CA LYS B 439 4.72 21.45 -26.28
C LYS B 439 3.48 22.20 -26.79
N HIS B 440 3.26 23.44 -26.35
CA HIS B 440 2.22 24.35 -26.92
C HIS B 440 2.80 24.97 -28.18
N PRO B 441 1.97 25.32 -29.20
CA PRO B 441 2.41 26.18 -30.29
C PRO B 441 2.60 27.59 -29.68
N GLU B 442 3.23 28.48 -30.43
CA GLU B 442 3.68 29.82 -29.93
C GLU B 442 2.45 30.56 -29.39
N ALA B 443 1.27 30.29 -29.95
CA ALA B 443 -0.01 30.91 -29.55
C ALA B 443 -0.26 30.72 -28.03
N LYS B 444 0.22 29.65 -27.40
CA LYS B 444 -0.30 29.22 -26.08
C LYS B 444 0.81 29.16 -25.04
N ARG B 445 2.06 29.47 -25.48
CA ARG B 445 3.24 29.33 -24.60
C ARG B 445 3.20 30.42 -23.55
N MET B 446 2.88 31.67 -23.91
CA MET B 446 3.14 32.79 -22.98
C MET B 446 2.19 32.62 -21.81
N PRO B 447 0.91 32.27 -22.03
CA PRO B 447 0.00 32.11 -20.89
C PRO B 447 0.45 30.91 -20.06
N CYS B 448 0.81 29.81 -20.70
CA CYS B 448 1.33 28.58 -20.00
C CYS B 448 2.55 28.95 -19.17
N ALA B 449 3.53 29.56 -19.84
CA ALA B 449 4.77 30.04 -19.21
C ALA B 449 4.43 30.93 -18.03
N GLU B 450 3.47 31.86 -18.20
CA GLU B 450 3.11 32.78 -17.12
C GLU B 450 2.54 32.03 -15.91
N ASP B 451 1.66 31.09 -16.13
CA ASP B 451 0.97 30.45 -14.98
C ASP B 451 2.03 29.66 -14.15
N TYR B 452 2.89 28.91 -14.83
CA TYR B 452 3.92 28.02 -14.20
C TYR B 452 5.07 28.84 -13.60
N LEU B 453 5.52 29.91 -14.28
CA LEU B 453 6.66 30.69 -13.74
C LEU B 453 6.25 31.49 -12.54
N SER B 454 5.08 32.14 -12.56
CA SER B 454 4.61 32.90 -11.38
C SER B 454 4.66 31.97 -10.14
N ILE B 455 4.29 30.70 -10.27
CA ILE B 455 4.35 29.69 -9.15
C ILE B 455 5.81 29.55 -8.69
N VAL B 456 6.72 29.26 -9.61
CA VAL B 456 8.13 28.99 -9.21
C VAL B 456 8.70 30.26 -8.57
N LEU B 457 8.39 31.45 -9.11
CA LEU B 457 8.93 32.73 -8.57
C LEU B 457 8.27 33.02 -7.20
N ASN B 458 7.04 32.64 -6.95
CA ASN B 458 6.45 32.86 -5.59
C ASN B 458 7.16 32.02 -4.50
N GLN B 459 7.23 30.70 -4.70
CA GLN B 459 7.94 29.76 -3.79
C GLN B 459 9.34 30.31 -3.56
N LEU B 460 9.95 30.88 -4.59
CA LEU B 460 11.35 31.32 -4.53
C LEU B 460 11.42 32.56 -3.64
N CYS B 461 10.48 33.47 -3.81
CA CYS B 461 10.53 34.74 -3.07
C CYS B 461 10.19 34.48 -1.59
N VAL B 462 9.27 33.56 -1.29
CA VAL B 462 9.00 33.20 0.15
C VAL B 462 10.27 32.54 0.76
N LEU B 463 10.92 31.59 0.07
CA LEU B 463 12.20 31.01 0.58
C LEU B 463 13.19 32.14 0.88
N HIS B 464 13.19 33.20 0.07
CA HIS B 464 14.23 34.27 0.14
C HIS B 464 13.88 35.32 1.22
N GLU B 465 12.61 35.65 1.46
CA GLU B 465 12.21 36.52 2.60
C GLU B 465 12.67 35.86 3.91
N LYS B 466 12.49 34.54 4.04
CA LYS B 466 12.87 33.73 5.23
C LYS B 466 14.40 33.71 5.39
N THR B 467 15.17 33.35 4.34
CA THR B 467 16.65 33.19 4.40
C THR B 467 17.30 34.12 3.36
N PRO B 468 17.21 35.47 3.46
CA PRO B 468 17.84 36.34 2.47
C PRO B 468 19.33 36.02 2.22
N VAL B 469 19.74 35.95 0.94
CA VAL B 469 21.17 35.79 0.48
C VAL B 469 21.53 36.90 -0.52
N SER B 470 20.61 37.47 -1.29
CA SER B 470 21.03 38.43 -2.34
C SER B 470 20.12 39.67 -2.33
N ASP B 471 20.74 40.85 -2.31
CA ASP B 471 20.06 42.15 -2.54
C ASP B 471 19.31 42.16 -3.88
N ARG B 472 19.88 41.61 -4.95
CA ARG B 472 19.27 41.63 -6.33
C ARG B 472 18.05 40.72 -6.38
N VAL B 473 18.07 39.59 -5.67
CA VAL B 473 16.87 38.73 -5.58
C VAL B 473 15.77 39.43 -4.76
N THR B 474 16.12 40.04 -3.61
CA THR B 474 15.21 40.91 -2.81
C THR B 474 14.60 41.98 -3.72
N LYS B 475 15.40 42.73 -4.48
CA LYS B 475 14.89 43.72 -5.47
C LYS B 475 13.82 43.03 -6.34
N CYS B 476 14.16 41.90 -6.96
CA CYS B 476 13.26 41.23 -7.93
C CYS B 476 12.02 40.74 -7.20
N CYS B 477 12.14 40.26 -5.96
CA CYS B 477 10.98 39.69 -5.23
C CYS B 477 10.05 40.78 -4.68
N THR B 478 10.55 41.99 -4.48
CA THR B 478 9.74 43.09 -3.92
C THR B 478 9.26 43.97 -5.07
N GLU B 479 9.77 43.80 -6.30
CA GLU B 479 9.36 44.57 -7.51
C GLU B 479 7.83 44.62 -7.65
N SER B 480 7.28 45.42 -8.57
CA SER B 480 5.83 45.37 -8.91
C SER B 480 5.42 44.01 -9.48
N LEU B 481 4.11 43.76 -9.58
CA LEU B 481 3.51 42.53 -10.19
C LEU B 481 4.13 42.31 -11.57
N VAL B 482 4.16 43.36 -12.38
CA VAL B 482 4.49 43.26 -13.82
C VAL B 482 5.99 43.21 -14.04
N ASN B 483 6.84 43.75 -13.16
CA ASN B 483 8.31 43.88 -13.38
C ASN B 483 9.06 42.67 -12.78
N ARG B 484 8.40 41.81 -12.04
CA ARG B 484 9.11 40.74 -11.26
C ARG B 484 9.91 39.82 -12.20
N ARG B 485 9.21 39.15 -13.11
CA ARG B 485 9.85 38.17 -14.02
C ARG B 485 10.94 38.89 -14.86
N PRO B 486 10.66 40.07 -15.42
CA PRO B 486 11.68 40.75 -16.22
C PRO B 486 12.89 41.20 -15.37
N CYS B 487 12.68 41.54 -14.11
CA CYS B 487 13.77 41.84 -13.13
C CYS B 487 14.62 40.58 -12.96
N PHE B 488 14.00 39.39 -12.82
CA PHE B 488 14.75 38.10 -12.73
C PHE B 488 15.54 37.79 -14.02
N SER B 489 14.90 37.90 -15.18
CA SER B 489 15.48 37.84 -16.56
C SER B 489 16.68 38.82 -16.74
N ALA B 490 16.65 40.00 -16.15
CA ALA B 490 17.78 40.95 -16.27
C ALA B 490 18.92 40.65 -15.29
N LEU B 491 18.83 39.64 -14.42
CA LEU B 491 19.96 39.41 -13.48
C LEU B 491 21.22 39.06 -14.33
N GLU B 492 22.37 39.57 -13.93
CA GLU B 492 23.65 39.42 -14.65
C GLU B 492 24.51 38.49 -13.81
N VAL B 493 25.58 37.98 -14.38
CA VAL B 493 26.60 37.17 -13.65
C VAL B 493 27.09 38.02 -12.47
N ASP B 494 27.14 37.43 -11.27
CA ASP B 494 27.86 37.99 -10.09
C ASP B 494 29.39 37.98 -10.30
N GLU B 495 29.90 39.08 -10.88
CA GLU B 495 31.30 39.58 -10.95
C GLU B 495 32.06 39.37 -9.63
N THR B 496 31.49 39.77 -8.47
CA THR B 496 32.23 39.90 -7.17
C THR B 496 32.33 38.57 -6.42
N TYR B 497 31.61 37.53 -6.87
CA TYR B 497 31.60 36.23 -6.17
C TYR B 497 33.02 35.73 -6.00
N VAL B 498 33.41 35.44 -4.76
CA VAL B 498 34.71 34.77 -4.45
C VAL B 498 34.52 33.26 -4.60
N PRO B 499 35.20 32.63 -5.59
CA PRO B 499 35.15 31.18 -5.79
C PRO B 499 35.22 30.30 -4.53
N LYS B 500 34.32 29.29 -4.44
CA LYS B 500 34.24 28.35 -3.28
C LYS B 500 35.55 27.59 -3.26
N GLU B 501 36.09 27.32 -2.07
CA GLU B 501 37.35 26.55 -1.87
C GLU B 501 37.09 25.08 -2.24
N PHE B 502 37.97 24.49 -3.06
CA PHE B 502 37.95 23.02 -3.37
C PHE B 502 37.64 22.23 -2.09
N ASN B 503 36.77 21.23 -2.20
CA ASN B 503 36.56 20.15 -1.20
C ASN B 503 36.44 18.84 -1.95
N ALA B 504 37.45 17.98 -1.82
CA ALA B 504 37.55 16.64 -2.47
C ALA B 504 36.21 15.91 -2.34
N GLU B 505 35.64 15.90 -1.13
CA GLU B 505 34.48 15.01 -0.80
C GLU B 505 33.30 15.38 -1.72
N THR B 506 33.14 16.66 -2.02
CA THR B 506 32.04 17.20 -2.90
C THR B 506 32.12 16.47 -4.23
N PHE B 507 33.33 16.24 -4.72
CA PHE B 507 33.56 15.72 -6.09
C PHE B 507 34.00 14.26 -6.03
N THR B 508 33.68 13.58 -4.92
CA THR B 508 34.00 12.15 -4.74
C THR B 508 32.65 11.44 -4.73
N PHE B 509 32.49 10.45 -5.60
CA PHE B 509 31.25 9.67 -5.86
C PHE B 509 31.53 8.24 -5.39
N HIS B 510 30.51 7.49 -4.98
CA HIS B 510 30.61 6.05 -4.57
C HIS B 510 29.63 5.23 -5.41
N ALA B 511 29.66 3.90 -5.26
CA ALA B 511 29.03 2.94 -6.21
C ALA B 511 27.52 2.96 -6.00
N ASP B 512 27.07 3.46 -4.86
CA ASP B 512 25.62 3.61 -4.61
C ASP B 512 24.99 4.53 -5.65
N ILE B 513 25.75 5.37 -6.39
CA ILE B 513 25.16 6.28 -7.44
C ILE B 513 24.46 5.42 -8.51
N CYS B 514 25.10 4.32 -8.91
CA CYS B 514 24.58 3.33 -9.90
C CYS B 514 23.18 2.81 -9.49
N THR B 515 22.85 2.79 -8.19
CA THR B 515 21.73 1.99 -7.63
C THR B 515 20.48 2.88 -7.40
N LEU B 516 20.66 4.16 -7.09
CA LEU B 516 19.55 5.13 -6.84
C LEU B 516 18.55 5.13 -8.02
N SER B 517 17.34 5.65 -7.79
CA SER B 517 16.34 5.99 -8.85
C SER B 517 16.95 7.04 -9.79
N GLU B 518 16.52 7.05 -11.05
CA GLU B 518 16.87 8.06 -12.07
C GLU B 518 16.87 9.40 -11.34
N GLU B 519 15.71 9.74 -10.78
CA GLU B 519 15.44 11.00 -10.08
C GLU B 519 16.55 11.30 -9.06
N GLU B 520 16.77 10.42 -8.08
CA GLU B 520 17.79 10.59 -7.00
C GLU B 520 19.17 10.76 -7.65
N ARG B 521 19.45 10.02 -8.73
CA ARG B 521 20.80 10.01 -9.34
C ARG B 521 20.97 11.38 -10.05
N GLN B 522 19.90 11.95 -10.57
CA GLN B 522 20.00 13.32 -11.20
C GLN B 522 20.24 14.38 -10.11
N ILE B 523 19.52 14.32 -9.00
CA ILE B 523 19.73 15.31 -7.93
C ILE B 523 21.18 15.24 -7.43
N LYS B 524 21.77 14.05 -7.34
CA LYS B 524 23.15 13.99 -6.81
C LYS B 524 24.13 14.65 -7.81
N LYS B 525 23.98 14.38 -9.09
CA LYS B 525 24.85 14.93 -10.15
C LYS B 525 24.63 16.47 -10.33
N GLN B 526 23.39 16.94 -10.22
CA GLN B 526 23.03 18.39 -10.36
C GLN B 526 23.62 19.15 -9.16
N THR B 527 23.70 18.51 -7.98
CA THR B 527 24.37 19.02 -6.75
C THR B 527 25.84 19.27 -7.07
N ALA B 528 26.49 18.25 -7.61
CA ALA B 528 27.93 18.28 -7.94
C ALA B 528 28.14 19.33 -9.03
N LEU B 529 27.27 19.38 -10.03
CA LEU B 529 27.33 20.46 -11.06
C LEU B 529 27.27 21.85 -10.41
N VAL B 530 26.35 22.05 -9.45
CA VAL B 530 26.21 23.35 -8.77
C VAL B 530 27.50 23.62 -8.01
N GLU B 531 28.07 22.63 -7.32
CA GLU B 531 29.34 22.82 -6.57
C GLU B 531 30.49 23.17 -7.55
N LEU B 532 30.55 22.54 -8.74
CA LEU B 532 31.63 22.75 -9.73
C LEU B 532 31.65 24.22 -10.16
N VAL B 533 30.48 24.79 -10.40
CA VAL B 533 30.36 26.18 -10.88
C VAL B 533 30.67 27.12 -9.70
N LYS B 534 30.20 26.79 -8.51
CA LYS B 534 30.51 27.57 -7.29
C LYS B 534 32.00 27.61 -7.06
N HIS B 535 32.70 26.51 -7.35
CA HIS B 535 34.17 26.41 -7.16
C HIS B 535 34.96 27.03 -8.36
N LYS B 536 34.40 27.02 -9.59
CA LYS B 536 35.05 27.63 -10.78
C LYS B 536 34.00 28.46 -11.51
N PRO B 537 33.50 29.56 -10.91
CA PRO B 537 32.47 30.42 -11.49
C PRO B 537 32.93 31.16 -12.75
N LYS B 538 34.26 31.16 -12.95
CA LYS B 538 34.91 31.74 -14.16
C LYS B 538 35.09 30.67 -15.25
N ALA B 539 34.85 29.38 -14.97
CA ALA B 539 34.83 28.27 -15.96
C ALA B 539 33.96 28.65 -17.18
N THR B 540 34.44 28.44 -18.41
CA THR B 540 33.69 28.71 -19.67
C THR B 540 32.80 27.52 -19.98
N LYS B 541 31.80 27.75 -20.83
CA LYS B 541 30.86 26.69 -21.29
C LYS B 541 31.70 25.51 -21.69
N GLU B 542 32.64 25.72 -22.61
CA GLU B 542 33.42 24.64 -23.28
C GLU B 542 34.05 23.68 -22.23
N GLN B 543 34.68 24.29 -21.22
CA GLN B 543 35.39 23.68 -20.08
C GLN B 543 34.41 22.92 -19.17
N LEU B 544 33.22 23.45 -18.90
CA LEU B 544 32.22 22.75 -18.05
C LEU B 544 31.65 21.55 -18.82
N LYS B 545 31.46 21.65 -20.14
CA LYS B 545 31.08 20.48 -21.01
C LYS B 545 32.18 19.43 -20.91
N ALA B 546 33.45 19.83 -20.93
CA ALA B 546 34.60 18.89 -20.97
C ALA B 546 34.61 18.11 -19.66
N VAL B 547 34.40 18.81 -18.55
CA VAL B 547 34.43 18.17 -17.22
C VAL B 547 33.19 17.26 -17.09
N MET B 548 32.06 17.72 -17.60
CA MET B 548 30.78 16.99 -17.45
C MET B 548 30.81 15.74 -18.31
N ASP B 549 31.40 15.85 -19.52
CA ASP B 549 31.56 14.71 -20.46
C ASP B 549 32.44 13.66 -19.82
N ASP B 550 33.54 14.13 -19.21
CA ASP B 550 34.49 13.29 -18.45
C ASP B 550 33.74 12.64 -17.32
N PHE B 551 32.95 13.39 -16.57
CA PHE B 551 32.13 12.83 -15.47
C PHE B 551 31.18 11.77 -16.02
N SER B 552 30.48 12.07 -17.11
CA SER B 552 29.51 11.12 -17.71
C SER B 552 30.20 9.78 -18.01
N ALA B 553 31.36 9.80 -18.69
CA ALA B 553 32.19 8.61 -19.06
C ALA B 553 32.64 7.84 -17.81
N PHE B 554 33.26 8.53 -16.85
CA PHE B 554 33.54 8.02 -15.50
C PHE B 554 32.37 7.18 -14.95
N VAL B 555 31.14 7.69 -14.92
CA VAL B 555 30.00 6.97 -14.25
C VAL B 555 29.68 5.69 -15.05
N GLU B 556 29.64 5.79 -16.39
CA GLU B 556 29.41 4.68 -17.36
C GLU B 556 30.41 3.53 -17.08
N LYS B 557 31.70 3.82 -17.24
CA LYS B 557 32.85 2.93 -16.91
C LYS B 557 32.56 2.21 -15.59
N CYS B 558 32.47 2.96 -14.48
CA CYS B 558 32.53 2.44 -13.08
C CYS B 558 31.25 1.73 -12.64
N CYS B 559 30.09 2.04 -13.23
CA CYS B 559 28.81 1.36 -12.87
C CYS B 559 28.79 -0.09 -13.42
N LYS B 560 29.52 -0.35 -14.51
CA LYS B 560 29.57 -1.64 -15.22
C LYS B 560 30.96 -2.28 -15.09
N ALA B 561 31.80 -1.84 -14.13
CA ALA B 561 33.14 -2.43 -13.87
C ALA B 561 33.00 -3.58 -12.84
N ASP B 562 33.98 -4.48 -12.75
CA ASP B 562 33.93 -5.70 -11.89
C ASP B 562 33.98 -5.32 -10.39
N ASP B 563 34.93 -4.44 -10.00
CA ASP B 563 35.04 -3.86 -8.63
C ASP B 563 34.67 -2.37 -8.75
N LYS B 564 33.38 -2.08 -8.74
CA LYS B 564 32.76 -0.73 -8.80
C LYS B 564 33.37 0.22 -7.74
N GLU B 565 33.53 -0.17 -6.46
CA GLU B 565 34.06 0.72 -5.39
C GLU B 565 35.45 1.23 -5.78
N THR B 566 36.29 0.32 -6.31
CA THR B 566 37.71 0.57 -6.71
C THR B 566 37.71 1.52 -7.91
N CYS B 567 36.94 1.23 -8.96
CA CYS B 567 36.78 2.12 -10.14
C CYS B 567 36.44 3.55 -9.66
N PHE B 568 35.49 3.68 -8.71
CA PHE B 568 34.98 4.98 -8.18
C PHE B 568 36.08 5.71 -7.42
N ALA B 569 36.88 4.99 -6.63
CA ALA B 569 38.00 5.59 -5.85
C ALA B 569 39.09 6.04 -6.83
N GLU B 570 39.50 5.18 -7.78
CA GLU B 570 40.80 5.36 -8.49
C GLU B 570 40.57 6.20 -9.76
N GLU B 571 39.50 5.89 -10.51
CA GLU B 571 39.08 6.70 -11.67
C GLU B 571 38.57 8.03 -11.14
N GLY B 572 38.08 8.10 -9.90
CA GLY B 572 37.57 9.35 -9.29
C GLY B 572 38.68 10.36 -9.12
N LYS B 573 39.80 9.87 -8.57
CA LYS B 573 41.04 10.60 -8.19
C LYS B 573 41.59 11.27 -9.45
N LYS B 574 41.61 10.49 -10.54
CA LYS B 574 42.02 10.87 -11.92
C LYS B 574 41.04 11.89 -12.49
N LEU B 575 39.74 11.63 -12.40
CA LEU B 575 38.71 12.58 -12.94
C LEU B 575 38.84 13.92 -12.21
N ILE B 576 38.87 13.92 -10.88
CA ILE B 576 39.17 15.14 -10.08
C ILE B 576 40.44 15.81 -10.61
N ALA B 577 41.57 15.09 -10.63
CA ALA B 577 42.88 15.71 -10.94
C ALA B 577 42.86 16.25 -12.39
N ALA B 578 42.31 15.52 -13.36
CA ALA B 578 42.26 15.97 -14.76
C ALA B 578 41.40 17.24 -14.82
N SER B 579 40.32 17.26 -14.05
CA SER B 579 39.35 18.39 -14.04
C SER B 579 40.05 19.65 -13.53
N GLN B 580 40.79 19.54 -12.42
CA GLN B 580 41.37 20.69 -11.65
C GLN B 580 42.48 21.35 -12.50
N ALA B 581 43.10 20.57 -13.41
CA ALA B 581 44.07 21.08 -14.41
C ALA B 581 43.32 21.79 -15.55
N ALA B 582 42.26 21.19 -16.09
CA ALA B 582 41.51 21.70 -17.27
C ALA B 582 40.97 23.12 -16.95
N LEU B 583 40.65 23.37 -15.68
CA LEU B 583 39.99 24.60 -15.13
C LEU B 583 41.00 25.54 -14.44
N GLY B 584 40.54 26.68 -13.94
CA GLY B 584 41.42 27.78 -13.49
C GLY B 584 40.67 28.92 -12.82
C1 MYR C . -5.92 -37.53 18.63
O1 MYR C . -5.69 -38.76 18.70
O2 MYR C . -5.87 -36.75 19.61
C2 MYR C . -6.17 -36.93 17.22
C3 MYR C . -7.70 -37.00 16.91
C4 MYR C . -8.53 -36.26 18.00
C5 MYR C . -9.94 -35.92 17.50
C6 MYR C . -10.71 -34.88 18.33
C7 MYR C . -12.11 -34.47 17.73
C8 MYR C . -12.14 -32.93 17.63
C9 MYR C . -13.50 -32.32 17.27
C10 MYR C . -13.38 -30.74 17.19
C11 MYR C . -13.63 -30.13 15.76
C12 MYR C . -14.56 -30.91 14.76
C13 MYR C . -13.77 -31.80 13.79
C14 MYR C . -14.25 -33.29 13.65
C1 MYR D . -12.88 -31.03 21.78
O1 MYR D . -12.67 -32.00 22.56
O2 MYR D . -13.45 -29.90 21.96
C2 MYR D . -12.45 -31.33 20.38
C3 MYR D . -10.94 -31.06 20.31
C4 MYR D . -10.78 -29.58 20.22
C5 MYR D . -9.44 -29.27 20.80
C6 MYR D . -9.05 -27.95 20.19
C7 MYR D . -10.07 -26.89 20.50
C8 MYR D . -9.51 -25.51 20.14
C9 MYR D . -8.99 -24.84 21.35
C10 MYR D . -10.21 -24.63 22.21
C11 MYR D . -9.98 -23.30 22.90
C12 MYR D . -10.35 -22.18 21.95
C13 MYR D . -9.05 -21.57 21.45
C14 MYR D . -8.63 -20.33 22.23
C1 MYR E . -27.87 -16.57 12.18
O1 MYR E . -27.08 -16.87 11.25
O2 MYR E . -28.94 -15.95 11.95
C2 MYR E . -27.43 -16.87 13.72
C3 MYR E . -26.39 -15.79 14.28
C4 MYR E . -26.63 -15.36 15.73
C5 MYR E . -25.63 -14.23 16.24
C6 MYR E . -26.42 -13.15 17.02
C7 MYR E . -25.88 -12.46 18.28
C8 MYR E . -26.71 -11.17 18.49
C9 MYR E . -26.99 -10.68 19.94
C10 MYR E . -28.23 -9.75 19.87
C11 MYR E . -28.02 -8.56 20.85
C12 MYR E . -28.12 -8.83 22.35
C13 MYR E . -27.23 -7.91 23.24
C14 MYR E . -27.33 -8.38 24.72
C1 MYR F . 6.77 -38.69 22.49
O1 MYR F . 6.76 -38.68 23.75
O2 MYR F . 6.31 -37.79 21.75
C2 MYR F . 7.47 -39.90 21.82
C3 MYR F . 6.71 -41.19 22.09
C4 MYR F . 7.39 -42.01 23.16
C5 MYR F . 6.73 -43.39 23.15
C6 MYR F . 7.72 -44.54 23.10
C7 MYR F . 8.04 -45.01 21.67
C8 MYR F . 9.55 -45.18 21.62
C9 MYR F . 9.94 -45.59 20.23
C10 MYR F . 11.37 -44.99 19.99
C11 MYR F . 11.57 -45.04 18.44
C12 MYR F . 12.80 -45.85 17.96
C13 MYR F . 12.91 -45.66 16.42
C14 MYR F . 14.30 -46.06 15.90
C1 RWF G . 9.10 -37.88 2.67
C2 RWF G . 6.15 -38.27 5.05
C3 RWF G . 5.11 -37.25 4.70
C4 RWF G . 3.76 -37.77 5.31
C5 RWF G . 2.96 -36.61 5.92
C6 RWF G . 6.67 -38.05 6.35
C7 RWF G . 6.41 -38.99 7.34
C8 RWF G . 6.90 -38.84 8.64
C9 RWF G . 7.64 -37.76 9.00
C10 RWF G . 7.91 -36.86 8.01
C11 RWF G . 7.32 -39.84 3.71
C12 RWF G . 7.44 -36.97 6.71
C13 RWF G . 7.17 -38.49 4.08
C14 RWF G . 8.10 -37.53 3.58
C15 RWF G . 9.96 -36.91 2.16
C16 RWF G . 10.95 -37.29 1.26
C17 RWF G . 11.10 -38.62 0.84
C18 RWF G . 10.20 -39.59 1.36
C19 RWF G . 9.21 -39.26 2.29
O1 RWF G . 8.31 -40.22 2.83
O2 RWF G . 6.54 -40.65 4.13
O3 RWF G . 3.96 -38.80 6.33
O4 RWF G . 8.02 -36.20 3.88
C1 MYR H . -18.63 26.16 -4.92
O1 MYR H . -17.40 25.99 -4.67
O2 MYR H . -19.09 26.67 -5.96
C2 MYR H . -19.65 26.12 -3.79
C3 MYR H . -20.05 24.73 -3.36
C4 MYR H . -20.75 24.76 -1.94
C5 MYR H . -19.88 24.05 -0.86
C6 MYR H . -20.24 24.42 0.61
C7 MYR H . -19.09 23.86 1.47
C8 MYR H . -19.36 23.86 2.99
C9 MYR H . -19.87 22.52 3.53
C10 MYR H . -19.54 22.51 5.03
C11 MYR H . -20.90 22.39 5.74
C12 MYR H . -20.64 22.62 7.25
C13 MYR H . -21.91 22.19 8.04
C14 MYR H . -21.68 22.33 9.55
C1 MYR I . 5.76 37.47 -18.70
O1 MYR I . 6.53 38.04 -17.86
O2 MYR I . 5.06 38.09 -19.55
C2 MYR I . 5.58 35.93 -18.55
C3 MYR I . 6.37 35.04 -19.56
C4 MYR I . 7.87 35.06 -19.35
C5 MYR I . 8.49 33.80 -19.92
C6 MYR I . 10.00 33.97 -20.11
C7 MYR I . 10.67 32.63 -20.48
C8 MYR I . 11.98 32.53 -19.74
C9 MYR I . 11.97 31.49 -18.62
C10 MYR I . 12.69 30.30 -19.16
C11 MYR I . 12.64 29.08 -18.13
C12 MYR I . 12.50 27.82 -18.99
C13 MYR I . 11.05 27.53 -19.40
C14 MYR I . 10.60 28.07 -20.75
O1 DAO J . 16.28 33.92 -17.25
O2 DAO J . 14.73 35.05 -18.38
C1 DAO J . 15.09 34.20 -17.52
C2 DAO J . 14.00 33.46 -16.75
C3 DAO J . 13.61 34.13 -15.46
C4 DAO J . 13.14 33.17 -14.39
C5 DAO J . 13.97 33.24 -13.13
C6 DAO J . 14.19 31.91 -12.44
C7 DAO J . 15.18 31.91 -11.27
C8 DAO J . 16.33 32.85 -11.42
C9 DAO J . 17.11 33.09 -10.16
C10 DAO J . 18.21 32.10 -9.93
C11 DAO J . 17.95 31.19 -8.75
C12 DAO J . 17.68 31.90 -7.43
C1 MYR K . 25.59 13.52 -16.44
O1 MYR K . 26.33 12.61 -16.92
O2 MYR K . 24.38 13.33 -16.20
C2 MYR K . 26.19 14.97 -16.14
C3 MYR K . 26.42 15.23 -14.57
C4 MYR K . 27.22 16.50 -14.15
C5 MYR K . 28.28 16.29 -13.03
C6 MYR K . 29.13 17.50 -12.64
C7 MYR K . 30.20 17.23 -11.61
C8 MYR K . 31.65 17.29 -12.16
C9 MYR K . 32.72 17.04 -11.09
C10 MYR K . 33.97 16.30 -11.70
C11 MYR K . 35.20 16.52 -10.80
C12 MYR K . 35.62 18.01 -10.71
C13 MYR K . 36.49 18.38 -9.56
C14 MYR K . 36.48 19.89 -9.31
C1 RWF L . -13.75 31.97 -10.69
C2 RWF L . -10.61 33.00 -12.65
C3 RWF L . -9.67 32.01 -11.97
C4 RWF L . -9.94 30.56 -12.15
C5 RWF L . -9.44 29.74 -10.92
C6 RWF L . -9.92 34.16 -12.18
C7 RWF L . -8.73 34.52 -12.83
C8 RWF L . -7.93 35.60 -12.42
C9 RWF L . -8.28 36.33 -11.29
C10 RWF L . -9.42 35.95 -10.61
C11 RWF L . -13.04 32.66 -13.36
C12 RWF L . -10.22 34.87 -11.03
C13 RWF L . -12.03 32.74 -12.33
C14 RWF L . -12.43 32.38 -11.01
C15 RWF L . -14.12 31.52 -9.41
C16 RWF L . -15.44 31.14 -9.17
C17 RWF L . -16.41 31.12 -10.19
C18 RWF L . -16.04 31.55 -11.48
C19 RWF L . -14.72 31.96 -11.72
O1 RWF L . -14.33 32.38 -13.00
O2 RWF L . -12.81 32.83 -14.55
O3 RWF L . -9.19 30.25 -13.32
O4 RWF L . -11.50 32.40 -9.96
#